data_3DAH
#
_entry.id   3DAH
#
_cell.length_a   77.966
_cell.length_b   123.242
_cell.length_c   197.364
_cell.angle_alpha   90.00
_cell.angle_beta   90.00
_cell.angle_gamma   90.00
#
_symmetry.space_group_name_H-M   'I 2 2 2'
#
loop_
_entity.id
_entity.type
_entity.pdbx_description
1 polymer 'Ribose-phosphate pyrophosphokinase'
2 non-polymer 'PHOSPHATE ION'
3 non-polymer 'ADENOSINE MONOPHOSPHATE'
4 water water
#
_entity_poly.entity_id   1
_entity_poly.type   'polypeptide(L)'
_entity_poly.pdbx_seq_one_letter_code
;SMSSHDGLMVFTGNANPALAQEVVKILGIPLGKAMVSRFSDGEIQVEIQENVRGKDVFVLQSTCAPTNDNLMELMIMVDA
LKRASAGRITAAIPYFGYARQDRRPRSARVAISAKVVANMLEIAGVERIITMDLHADQIQGFFDIPVDNIYATPILLGDL
RKQNYPDLLVVSPDVGGVVRARALAKQLNCDLAIIDKRRPKANVAEVMNIIGEVEGRTCVIMDDMVDTAGTLCKAAQVLK
ERGAKQVFAYATHPVLSGGAADRIAASALDELVVTDTIPLSAESLACPKIRALSSAGLLAETFSRIRRGDSVMSLFAES
;
_entity_poly.pdbx_strand_id   A,B,C
#
# COMPACT_ATOMS: atom_id res chain seq x y z
N ASP A 6 26.07 0.30 22.54
CA ASP A 6 27.40 -0.37 22.51
C ASP A 6 27.99 -0.35 21.10
N GLY A 7 27.44 -1.16 20.21
CA GLY A 7 27.77 -1.09 18.79
C GLY A 7 27.19 0.15 18.11
N LEU A 8 26.62 1.06 18.91
CA LEU A 8 26.00 2.29 18.44
C LEU A 8 26.99 3.42 18.26
N MET A 9 26.98 4.03 17.07
CA MET A 9 27.80 5.19 16.76
C MET A 9 26.94 6.35 16.26
N VAL A 10 27.27 7.57 16.67
CA VAL A 10 26.56 8.76 16.19
C VAL A 10 27.54 9.79 15.61
N PHE A 11 27.27 10.19 14.36
CA PHE A 11 28.01 11.24 13.68
C PHE A 11 27.09 12.44 13.39
N THR A 12 27.68 13.62 13.25
CA THR A 12 26.97 14.83 12.84
C THR A 12 27.64 15.46 11.62
N GLY A 13 26.85 16.18 10.82
CA GLY A 13 27.38 17.12 9.82
C GLY A 13 27.42 18.51 10.44
N ASN A 14 27.42 19.55 9.62
CA ASN A 14 27.50 20.93 10.13
C ASN A 14 26.16 21.61 10.33
N ALA A 15 25.07 20.91 10.06
CA ALA A 15 23.75 21.49 10.28
C ALA A 15 23.40 21.66 11.77
N ASN A 16 23.87 20.75 12.62
CA ASN A 16 23.46 20.74 14.03
C ASN A 16 24.50 20.16 14.97
N PRO A 17 25.76 20.65 14.89
CA PRO A 17 26.77 20.05 15.77
C PRO A 17 26.42 20.10 17.27
N ALA A 18 26.01 21.27 17.76
CA ALA A 18 25.69 21.45 19.19
C ALA A 18 24.62 20.46 19.69
N LEU A 19 23.54 20.32 18.92
CA LEU A 19 22.50 19.36 19.23
C LEU A 19 23.01 17.90 19.29
N ALA A 20 23.90 17.54 18.37
CA ALA A 20 24.42 16.17 18.31
C ALA A 20 25.26 15.87 19.52
N GLN A 21 25.99 16.87 20.00
CA GLN A 21 26.79 16.73 21.22
C GLN A 21 25.93 16.52 22.45
N GLU A 22 24.80 17.21 22.53
CA GLU A 22 23.88 17.03 23.65
C GLU A 22 23.16 15.67 23.60
N VAL A 23 22.72 15.26 22.42
CA VAL A 23 22.14 13.93 22.25
C VAL A 23 23.12 12.87 22.76
N VAL A 24 24.35 12.98 22.28
CA VAL A 24 25.41 12.02 22.56
C VAL A 24 25.86 12.02 24.03
N LYS A 25 25.80 13.20 24.67
CA LYS A 25 26.08 13.30 26.11
C LYS A 25 25.03 12.51 26.92
N ILE A 26 23.76 12.68 26.58
CA ILE A 26 22.67 11.94 27.21
C ILE A 26 22.83 10.41 27.06
N LEU A 27 23.23 9.97 25.87
CA LEU A 27 23.41 8.54 25.59
C LEU A 27 24.59 7.92 26.33
N GLY A 28 25.57 8.75 26.73
CA GLY A 28 26.77 8.28 27.43
C GLY A 28 27.82 7.70 26.50
N ILE A 29 27.98 8.34 25.35
CA ILE A 29 28.92 7.88 24.33
C ILE A 29 29.60 9.11 23.76
N PRO A 30 30.81 8.94 23.18
CA PRO A 30 31.39 10.05 22.44
C PRO A 30 30.77 10.23 21.04
N LEU A 31 30.84 11.44 20.51
CA LEU A 31 30.47 11.72 19.12
C LEU A 31 31.49 11.05 18.20
N GLY A 32 31.04 10.55 17.05
CA GLY A 32 31.94 9.90 16.10
C GLY A 32 32.92 10.86 15.46
N LYS A 33 34.17 10.43 15.35
CA LYS A 33 35.22 11.27 14.78
C LYS A 33 35.12 11.33 13.25
N ALA A 34 34.85 12.52 12.73
CA ALA A 34 34.84 12.72 11.30
C ALA A 34 35.27 14.14 10.96
N MET A 35 35.91 14.30 9.81
CA MET A 35 36.09 15.61 9.24
C MET A 35 34.95 15.80 8.26
N VAL A 36 34.19 16.87 8.43
CA VAL A 36 33.16 17.22 7.48
C VAL A 36 33.34 18.69 7.21
N SER A 37 33.79 18.97 6.01
CA SER A 37 34.34 20.27 5.69
C SER A 37 34.18 20.59 4.20
N ARG A 38 34.97 21.54 3.73
CA ARG A 38 34.89 22.06 2.36
C ARG A 38 36.28 22.11 1.77
N PHE A 39 36.41 21.76 0.49
CA PHE A 39 37.60 22.08 -0.29
C PHE A 39 37.54 23.56 -0.70
N SER A 40 38.65 24.06 -1.23
CA SER A 40 38.81 25.47 -1.60
C SER A 40 37.75 25.94 -2.62
N ASP A 41 37.38 25.05 -3.55
CA ASP A 41 36.32 25.35 -4.51
C ASP A 41 34.88 25.20 -3.96
N GLY A 42 34.76 24.74 -2.71
CA GLY A 42 33.45 24.60 -2.04
C GLY A 42 32.83 23.21 -2.10
N GLU A 43 33.54 22.25 -2.69
CA GLU A 43 33.08 20.87 -2.71
C GLU A 43 33.21 20.26 -1.32
N ILE A 44 32.26 19.39 -0.95
CA ILE A 44 32.27 18.74 0.36
C ILE A 44 33.49 17.85 0.54
N GLN A 45 34.16 18.01 1.69
CA GLN A 45 35.31 17.20 2.08
C GLN A 45 34.95 16.36 3.31
N VAL A 46 34.98 15.04 3.18
CA VAL A 46 34.62 14.15 4.29
C VAL A 46 35.66 13.05 4.46
N GLU A 47 36.02 12.80 5.71
CA GLU A 47 36.79 11.60 6.06
C GLU A 47 36.34 11.04 7.42
N ILE A 48 36.05 9.75 7.46
CA ILE A 48 35.65 9.11 8.71
C ILE A 48 36.92 8.75 9.46
N GLN A 49 37.11 9.35 10.62
CA GLN A 49 38.43 9.34 11.26
C GLN A 49 38.56 8.33 12.37
N GLU A 50 37.60 7.42 12.40
CA GLU A 50 37.72 6.22 13.20
C GLU A 50 37.00 5.09 12.51
N ASN A 51 37.22 3.90 13.06
CA ASN A 51 36.76 2.66 12.51
C ASN A 51 35.26 2.47 12.76
N VAL A 52 34.51 2.13 11.71
CA VAL A 52 33.05 1.96 11.84
C VAL A 52 32.52 0.57 11.45
N ARG A 53 33.40 -0.39 11.14
CA ARG A 53 32.87 -1.61 10.50
C ARG A 53 32.08 -2.55 11.42
N GLY A 54 30.95 -3.00 10.89
CA GLY A 54 29.99 -3.79 11.65
C GLY A 54 29.13 -2.95 12.58
N LYS A 55 29.47 -1.67 12.76
CA LYS A 55 28.79 -0.83 13.74
C LYS A 55 27.44 -0.34 13.24
N ASP A 56 26.59 0.06 14.19
CA ASP A 56 25.27 0.64 13.92
C ASP A 56 25.40 2.17 13.94
N VAL A 57 25.44 2.75 12.74
CA VAL A 57 25.81 4.14 12.58
C VAL A 57 24.58 4.99 12.37
N PHE A 58 24.43 6.03 13.19
CA PHE A 58 23.38 7.03 13.04
C PHE A 58 24.08 8.31 12.63
N VAL A 59 23.56 8.98 11.61
CA VAL A 59 24.03 10.31 11.24
C VAL A 59 22.95 11.31 11.54
N LEU A 60 23.26 12.27 12.40
CA LEU A 60 22.30 13.30 12.75
C LEU A 60 22.54 14.55 11.89
N GLN A 61 21.60 14.84 10.99
CA GLN A 61 21.70 16.00 10.11
C GLN A 61 20.35 16.47 9.58
N SER A 62 19.81 17.54 10.17
CA SER A 62 18.72 18.27 9.51
C SER A 62 19.19 18.83 8.16
N THR A 63 18.31 18.82 7.18
CA THR A 63 18.63 19.41 5.89
C THR A 63 17.94 20.77 5.80
N CYS A 64 18.21 21.56 6.82
CA CYS A 64 17.82 22.95 6.93
C CYS A 64 18.85 23.77 6.17
N ALA A 65 18.63 25.08 6.07
CA ALA A 65 19.46 25.96 5.24
C ALA A 65 20.86 26.07 5.83
N PRO A 66 21.92 26.02 4.98
CA PRO A 66 21.95 25.84 3.52
C PRO A 66 21.60 24.41 3.09
N THR A 67 20.43 24.27 2.47
CA THR A 67 19.81 22.99 2.27
C THR A 67 20.65 22.00 1.47
N ASN A 68 21.09 22.43 0.29
CA ASN A 68 21.81 21.57 -0.64
C ASN A 68 23.18 21.16 -0.17
N ASP A 69 23.88 22.08 0.52
CA ASP A 69 25.13 21.75 1.17
C ASP A 69 24.90 20.73 2.30
N ASN A 70 23.94 20.99 3.17
CA ASN A 70 23.63 20.07 4.26
C ASN A 70 23.13 18.73 3.77
N LEU A 71 22.40 18.73 2.66
CA LEU A 71 21.95 17.48 2.02
C LEU A 71 23.14 16.73 1.44
N MET A 72 23.99 17.45 0.72
CA MET A 72 25.18 16.84 0.13
C MET A 72 26.19 16.37 1.16
N GLU A 73 26.32 17.09 2.29
CA GLU A 73 27.13 16.56 3.40
C GLU A 73 26.64 15.17 3.84
N LEU A 74 25.33 15.04 4.02
CA LEU A 74 24.73 13.77 4.45
C LEU A 74 24.95 12.66 3.40
N MET A 75 24.78 12.99 2.13
CA MET A 75 25.06 12.07 1.01
C MET A 75 26.49 11.52 1.01
N ILE A 76 27.47 12.43 1.09
CA ILE A 76 28.89 12.09 1.12
C ILE A 76 29.28 11.30 2.39
N MET A 77 28.82 11.74 3.56
CA MET A 77 29.04 10.99 4.80
C MET A 77 28.49 9.58 4.71
N VAL A 78 27.27 9.45 4.19
CA VAL A 78 26.66 8.13 4.04
C VAL A 78 27.52 7.25 3.14
N ASP A 79 27.93 7.79 1.98
CA ASP A 79 28.80 7.02 1.07
C ASP A 79 30.12 6.60 1.73
N ALA A 80 30.78 7.51 2.44
CA ALA A 80 32.04 7.18 3.11
C ALA A 80 31.84 6.08 4.15
N LEU A 81 30.78 6.21 4.95
CA LEU A 81 30.44 5.21 5.96
C LEU A 81 30.15 3.85 5.37
N LYS A 82 29.35 3.83 4.31
CA LYS A 82 29.02 2.59 3.62
C LYS A 82 30.28 1.91 3.09
N ARG A 83 31.18 2.68 2.50
CA ARG A 83 32.41 2.14 1.92
C ARG A 83 33.40 1.76 3.00
N ALA A 84 33.24 2.33 4.18
CA ALA A 84 34.05 1.94 5.35
C ALA A 84 33.40 0.76 6.10
N SER A 85 32.45 0.08 5.44
CA SER A 85 31.75 -1.11 5.94
C SER A 85 30.97 -0.94 7.25
N ALA A 86 30.32 0.21 7.42
CA ALA A 86 29.32 0.37 8.50
C ALA A 86 28.33 -0.79 8.41
N GLY A 87 27.99 -1.38 9.55
CA GLY A 87 27.06 -2.51 9.57
C GLY A 87 25.66 -2.10 9.15
N ARG A 88 25.29 -0.86 9.51
CA ARG A 88 24.00 -0.29 9.18
C ARG A 88 24.08 1.23 9.30
N ILE A 89 23.35 1.94 8.43
CA ILE A 89 23.29 3.41 8.45
C ILE A 89 21.84 3.91 8.58
N THR A 90 21.64 4.81 9.55
CA THR A 90 20.37 5.46 9.79
C THR A 90 20.63 6.94 9.65
N ALA A 91 19.84 7.63 8.82
CA ALA A 91 19.91 9.09 8.77
C ALA A 91 18.83 9.65 9.69
N ALA A 92 19.27 10.31 10.75
CA ALA A 92 18.37 11.06 11.64
C ALA A 92 18.34 12.51 11.19
N ILE A 93 17.24 12.86 10.54
CA ILE A 93 17.04 14.16 9.91
C ILE A 93 15.85 14.87 10.59
N PRO A 94 16.10 15.53 11.72
CA PRO A 94 14.99 16.14 12.48
C PRO A 94 14.12 17.08 11.64
N TYR A 95 14.73 18.02 10.95
CA TYR A 95 14.03 18.83 9.96
C TYR A 95 14.39 18.35 8.57
N PHE A 96 13.37 17.90 7.84
CA PHE A 96 13.56 17.33 6.50
C PHE A 96 13.29 18.42 5.47
N GLY A 97 14.36 19.00 4.92
CA GLY A 97 14.24 20.01 3.86
C GLY A 97 13.60 19.41 2.62
N TYR A 98 12.98 20.29 1.81
CA TYR A 98 12.25 19.93 0.57
C TYR A 98 10.91 19.21 0.80
N ALA A 99 10.53 19.06 2.08
CA ALA A 99 9.25 18.47 2.46
C ALA A 99 8.01 19.22 1.92
N ARG A 100 8.15 20.53 1.67
CA ARG A 100 7.04 21.31 1.14
C ARG A 100 6.83 21.15 -0.36
N GLN A 101 7.78 20.51 -1.03
CA GLN A 101 7.57 20.07 -2.41
C GLN A 101 7.23 18.59 -2.47
N ASP A 102 5.95 18.29 -2.22
CA ASP A 102 5.47 16.91 -2.10
C ASP A 102 4.44 16.50 -3.17
N ARG A 103 4.25 17.34 -4.18
CA ARG A 103 3.26 17.11 -5.23
C ARG A 103 3.48 18.12 -6.34
N ARG A 104 2.85 17.87 -7.49
CA ARG A 104 2.71 18.90 -8.52
C ARG A 104 1.27 19.46 -8.51
N PRO A 105 1.11 20.74 -8.12
CA PRO A 105 -0.18 21.42 -8.29
C PRO A 105 -0.75 21.37 -9.70
N ARG A 106 -2.07 21.55 -9.78
CA ARG A 106 -2.87 21.51 -11.01
C ARG A 106 -2.16 21.92 -12.33
N SER A 107 -1.69 23.15 -12.43
CA SER A 107 -1.11 23.61 -13.71
C SER A 107 0.36 23.97 -13.58
N ALA A 108 1.14 23.08 -12.96
CA ALA A 108 2.56 23.33 -12.72
C ALA A 108 3.43 22.15 -13.12
N ARG A 109 4.34 22.38 -14.06
CA ARG A 109 5.36 21.41 -14.44
C ARG A 109 6.55 21.52 -13.48
N VAL A 110 6.38 20.96 -12.29
CA VAL A 110 7.35 21.08 -11.22
C VAL A 110 7.91 19.73 -10.81
N ALA A 111 8.97 19.76 -9.99
CA ALA A 111 9.53 18.54 -9.40
C ALA A 111 8.80 18.16 -8.12
N ILE A 112 8.78 16.87 -7.80
CA ILE A 112 8.42 16.45 -6.45
C ILE A 112 9.73 16.26 -5.70
N SER A 113 10.29 17.38 -5.24
CA SER A 113 11.64 17.39 -4.67
C SER A 113 11.82 16.49 -3.45
N ALA A 114 10.79 16.40 -2.61
CA ALA A 114 10.86 15.57 -1.43
C ALA A 114 11.12 14.10 -1.83
N LYS A 115 10.69 13.75 -3.03
CA LYS A 115 10.82 12.41 -3.56
C LYS A 115 12.21 12.20 -4.20
N VAL A 116 12.68 13.18 -4.98
CA VAL A 116 14.07 13.17 -5.47
C VAL A 116 15.01 12.91 -4.28
N VAL A 117 14.81 13.66 -3.20
CA VAL A 117 15.56 13.49 -1.94
C VAL A 117 15.41 12.09 -1.31
N ALA A 118 14.19 11.56 -1.27
CA ALA A 118 14.01 10.18 -0.78
C ALA A 118 14.83 9.20 -1.59
N ASN A 119 14.73 9.30 -2.93
CA ASN A 119 15.52 8.50 -3.85
C ASN A 119 17.02 8.66 -3.64
N MET A 120 17.49 9.91 -3.55
CA MET A 120 18.91 10.21 -3.29
C MET A 120 19.42 9.49 -2.04
N LEU A 121 18.74 9.67 -0.92
CA LEU A 121 19.12 9.08 0.35
C LEU A 121 19.25 7.56 0.26
N GLU A 122 18.28 6.93 -0.38
CA GLU A 122 18.27 5.47 -0.53
C GLU A 122 19.41 4.98 -1.40
N ILE A 123 19.68 5.69 -2.50
CA ILE A 123 20.79 5.37 -3.40
C ILE A 123 22.15 5.61 -2.74
N ALA A 124 22.21 6.53 -1.78
CA ALA A 124 23.44 6.80 -1.04
C ALA A 124 23.80 5.64 -0.13
N GLY A 125 22.78 4.90 0.30
CA GLY A 125 22.95 3.75 1.20
C GLY A 125 22.20 3.85 2.52
N VAL A 126 21.32 4.85 2.66
CA VAL A 126 20.55 5.01 3.89
C VAL A 126 19.53 3.87 3.98
N GLU A 127 19.44 3.29 5.18
CA GLU A 127 18.62 2.12 5.43
C GLU A 127 17.39 2.44 6.28
N ARG A 128 17.44 3.52 7.05
CA ARG A 128 16.34 3.89 7.96
C ARG A 128 16.34 5.38 8.15
N ILE A 129 15.14 5.97 8.19
CA ILE A 129 15.00 7.40 8.37
C ILE A 129 14.38 7.66 9.74
N ILE A 130 14.94 8.63 10.46
CA ILE A 130 14.28 9.23 11.63
C ILE A 130 14.07 10.72 11.33
N THR A 131 12.84 11.18 11.50
CA THR A 131 12.52 12.59 11.27
C THR A 131 11.49 13.09 12.31
N MET A 132 11.34 14.40 12.41
CA MET A 132 10.50 15.00 13.43
C MET A 132 9.47 15.92 12.81
N ASP A 133 8.21 15.66 13.15
CA ASP A 133 7.06 16.43 12.65
C ASP A 133 7.15 16.69 11.17
N LEU A 134 7.28 15.58 10.43
CA LEU A 134 7.30 15.59 8.97
C LEU A 134 6.08 16.32 8.44
N HIS A 135 6.32 17.22 7.49
CA HIS A 135 5.34 18.19 7.04
C HIS A 135 4.10 17.56 6.42
N ALA A 136 4.29 16.47 5.70
CA ALA A 136 3.20 15.72 5.10
C ALA A 136 3.48 14.24 5.32
N ASP A 137 2.53 13.55 5.95
CA ASP A 137 2.65 12.13 6.24
C ASP A 137 2.88 11.26 4.99
N GLN A 138 2.41 11.76 3.85
CA GLN A 138 2.51 11.05 2.57
C GLN A 138 3.99 10.89 2.15
N ILE A 139 4.87 11.72 2.70
CA ILE A 139 6.30 11.59 2.40
C ILE A 139 6.87 10.22 2.80
N GLN A 140 6.37 9.65 3.90
CA GLN A 140 6.73 8.28 4.27
C GLN A 140 6.64 7.30 3.10
N GLY A 141 5.64 7.49 2.22
CA GLY A 141 5.44 6.65 1.03
C GLY A 141 6.37 6.98 -0.13
N PHE A 142 7.25 7.96 0.03
CA PHE A 142 8.27 8.27 -0.96
C PHE A 142 9.49 7.35 -0.79
N PHE A 143 9.61 6.78 0.40
CA PHE A 143 10.67 5.85 0.76
C PHE A 143 10.18 4.41 0.68
N ASP A 144 11.10 3.50 0.34
CA ASP A 144 10.85 2.06 0.52
C ASP A 144 11.68 1.52 1.67
N ILE A 145 12.23 2.42 2.47
CA ILE A 145 12.92 2.07 3.70
C ILE A 145 12.05 2.53 4.86
N PRO A 146 12.19 1.90 6.05
CA PRO A 146 11.44 2.35 7.22
C PRO A 146 11.67 3.83 7.57
N VAL A 147 10.60 4.49 7.97
CA VAL A 147 10.65 5.90 8.34
C VAL A 147 9.96 6.08 9.69
N ASP A 148 10.71 6.60 10.65
CA ASP A 148 10.12 6.92 11.95
C ASP A 148 9.98 8.41 12.12
N ASN A 149 8.73 8.86 12.07
CA ASN A 149 8.34 10.24 12.31
C ASN A 149 7.94 10.45 13.77
N ILE A 150 8.78 11.17 14.52
CA ILE A 150 8.53 11.46 15.94
C ILE A 150 8.00 12.88 16.14
N TYR A 151 7.23 13.08 17.21
CA TYR A 151 6.56 14.37 17.43
C TYR A 151 7.21 15.14 18.55
N ALA A 152 7.31 16.46 18.39
CA ALA A 152 7.88 17.32 19.42
C ALA A 152 6.79 17.84 20.39
N THR A 153 5.56 17.35 20.23
CA THR A 153 4.46 17.72 21.13
C THR A 153 4.81 17.61 22.62
N PRO A 154 5.43 16.49 23.07
CA PRO A 154 5.83 16.37 24.48
C PRO A 154 6.68 17.53 25.01
N ILE A 155 7.66 17.98 24.24
CA ILE A 155 8.53 19.05 24.72
C ILE A 155 7.87 20.44 24.60
N LEU A 156 7.03 20.62 23.59
CA LEU A 156 6.25 21.84 23.43
C LEU A 156 5.14 21.96 24.49
N LEU A 157 4.35 20.91 24.65
CA LEU A 157 3.29 20.86 25.66
C LEU A 157 3.85 20.86 27.09
N GLY A 158 5.00 20.22 27.27
CA GLY A 158 5.73 20.30 28.54
C GLY A 158 5.90 21.76 28.98
N ASP A 159 6.47 22.57 28.08
CA ASP A 159 6.73 23.99 28.35
C ASP A 159 5.43 24.78 28.53
N LEU A 160 4.42 24.47 27.72
CA LEU A 160 3.13 25.17 27.76
C LEU A 160 2.46 25.01 29.13
N ARG A 161 2.39 23.77 29.62
CA ARG A 161 1.84 23.45 30.94
C ARG A 161 2.69 24.05 32.07
N LYS A 162 4.01 24.14 31.83
CA LYS A 162 4.95 24.68 32.82
C LYS A 162 4.67 26.12 33.22
N GLN A 163 3.89 26.85 32.43
CA GLN A 163 3.58 28.24 32.77
C GLN A 163 2.09 28.55 32.93
N ASN A 164 1.31 27.55 33.24
CA ASN A 164 -0.03 27.73 33.68
C ASN A 164 -0.64 29.02 33.23
N TYR A 165 -0.92 29.12 31.94
CA TYR A 165 -1.58 30.30 31.40
C TYR A 165 -3.07 30.35 31.77
N PRO A 166 -3.56 31.55 32.16
CA PRO A 166 -4.98 31.72 32.49
C PRO A 166 -5.88 31.71 31.26
N ASP A 167 -6.97 30.95 31.33
CA ASP A 167 -8.03 30.95 30.30
C ASP A 167 -7.49 30.55 28.93
N LEU A 168 -6.82 29.41 28.87
CA LEU A 168 -6.14 28.96 27.67
C LEU A 168 -7.11 28.61 26.54
N LEU A 169 -6.77 29.03 25.32
CA LEU A 169 -7.56 28.72 24.14
C LEU A 169 -6.68 28.38 22.93
N VAL A 170 -6.80 27.13 22.46
CA VAL A 170 -6.13 26.68 21.24
C VAL A 170 -6.77 27.28 20.00
N VAL A 171 -5.95 27.90 19.15
CA VAL A 171 -6.42 28.57 17.94
C VAL A 171 -5.86 27.93 16.68
N SER A 172 -6.73 27.64 15.72
CA SER A 172 -6.31 27.25 14.38
C SER A 172 -6.25 28.50 13.50
N PRO A 173 -5.04 28.85 13.01
CA PRO A 173 -4.94 30.01 12.13
C PRO A 173 -5.42 29.69 10.70
N ASP A 174 -4.72 28.76 10.04
CA ASP A 174 -5.08 28.31 8.69
C ASP A 174 -6.24 27.31 8.73
N VAL A 175 -6.99 27.27 7.63
CA VAL A 175 -8.11 26.34 7.48
C VAL A 175 -7.66 24.87 7.38
N GLY A 176 -6.41 24.68 6.96
CA GLY A 176 -5.84 23.35 6.75
C GLY A 176 -5.84 22.48 8.00
N GLY A 177 -5.10 22.92 9.02
CA GLY A 177 -4.94 22.15 10.24
C GLY A 177 -5.95 22.43 11.34
N VAL A 178 -7.21 22.64 10.97
CA VAL A 178 -8.31 22.83 11.94
C VAL A 178 -8.60 21.51 12.65
N VAL A 179 -8.40 20.40 11.96
CA VAL A 179 -8.62 19.06 12.51
C VAL A 179 -7.73 18.82 13.74
N ARG A 180 -6.41 18.90 13.56
CA ARG A 180 -5.46 18.65 14.65
C ARG A 180 -5.42 19.75 15.72
N ALA A 181 -5.99 20.91 15.40
CA ALA A 181 -6.16 21.98 16.38
C ALA A 181 -7.21 21.60 17.42
N ARG A 182 -8.24 20.88 16.98
CA ARG A 182 -9.28 20.33 17.86
C ARG A 182 -8.71 19.19 18.71
N ALA A 183 -7.77 18.44 18.14
CA ALA A 183 -7.08 17.35 18.84
C ALA A 183 -6.15 17.87 19.95
N LEU A 184 -5.62 19.07 19.75
CA LEU A 184 -4.75 19.73 20.73
C LEU A 184 -5.59 20.26 21.89
N ALA A 185 -6.66 20.97 21.53
CA ALA A 185 -7.61 21.54 22.49
C ALA A 185 -8.18 20.45 23.40
N LYS A 186 -8.55 19.33 22.79
CA LYS A 186 -9.04 18.15 23.51
C LYS A 186 -8.02 17.67 24.55
N GLN A 187 -6.75 17.67 24.16
CA GLN A 187 -5.67 17.20 25.01
C GLN A 187 -5.34 18.15 26.17
N LEU A 188 -5.67 19.43 26.00
CA LEU A 188 -5.48 20.42 27.07
C LEU A 188 -6.82 20.74 27.74
N ASN A 189 -7.85 20.02 27.34
CA ASN A 189 -9.24 20.39 27.62
C ASN A 189 -9.52 21.86 27.72
N CYS A 190 -9.45 22.50 26.57
CA CYS A 190 -9.81 23.91 26.42
C CYS A 190 -10.54 24.13 25.09
N ASP A 191 -10.96 25.36 24.85
CA ASP A 191 -11.77 25.71 23.67
C ASP A 191 -10.97 25.77 22.36
N LEU A 192 -11.68 26.02 21.26
CA LEU A 192 -11.08 26.12 19.93
C LEU A 192 -11.61 27.37 19.21
N ALA A 193 -10.78 27.99 18.38
CA ALA A 193 -11.19 29.17 17.60
C ALA A 193 -10.68 29.17 16.15
N ILE A 194 -11.36 29.95 15.30
CA ILE A 194 -11.04 30.04 13.87
C ILE A 194 -10.60 31.46 13.48
N GLU A 215 -12.49 35.35 22.60
CA GLU A 215 -12.14 36.77 22.72
C GLU A 215 -11.02 36.99 23.75
N GLY A 216 -11.35 37.61 24.89
CA GLY A 216 -10.38 38.06 25.91
C GLY A 216 -9.55 36.99 26.59
N ARG A 217 -9.18 35.97 25.81
CA ARG A 217 -8.48 34.79 26.31
C ARG A 217 -6.97 34.83 25.99
N THR A 218 -6.26 33.84 26.51
CA THR A 218 -4.86 33.60 26.17
C THR A 218 -4.81 32.57 25.04
N CYS A 219 -4.32 32.98 23.88
CA CYS A 219 -4.33 32.13 22.68
C CYS A 219 -2.98 31.49 22.41
N VAL A 220 -2.99 30.17 22.29
CA VAL A 220 -1.83 29.43 21.80
C VAL A 220 -2.10 28.90 20.39
N ILE A 221 -1.13 29.08 19.50
CA ILE A 221 -1.12 28.48 18.17
C ILE A 221 0.01 27.46 18.14
N MET A 222 -0.27 26.24 17.65
CA MET A 222 0.78 25.22 17.48
C MET A 222 0.96 24.78 16.02
N ASP A 223 2.22 24.62 15.59
CA ASP A 223 2.56 24.42 14.20
C ASP A 223 3.73 23.43 14.04
N ASP A 224 3.90 22.87 12.84
CA ASP A 224 5.05 22.03 12.52
C ASP A 224 6.32 22.88 12.43
N MET A 225 6.20 24.03 11.78
CA MET A 225 7.34 24.87 11.47
C MET A 225 6.95 26.34 11.38
N VAL A 226 7.94 27.23 11.43
CA VAL A 226 7.76 28.64 11.13
C VAL A 226 8.82 29.03 10.11
N ASP A 227 8.40 29.55 8.97
CA ASP A 227 9.30 30.13 8.01
C ASP A 227 9.26 31.66 8.04
N THR A 228 8.43 32.26 7.22
CA THR A 228 8.35 33.71 7.13
C THR A 228 7.65 34.33 8.34
N ALA A 229 6.87 33.52 9.05
CA ALA A 229 6.07 33.96 10.20
C ALA A 229 4.94 34.89 9.77
N GLY A 230 4.70 34.98 8.47
CA GLY A 230 3.67 35.85 7.91
C GLY A 230 2.29 35.52 8.45
N THR A 231 1.90 34.25 8.34
CA THR A 231 0.58 33.80 8.79
C THR A 231 0.42 33.82 10.31
N LEU A 232 1.46 33.39 11.04
CA LEU A 232 1.49 33.55 12.50
C LEU A 232 1.18 34.98 12.93
N CYS A 233 1.82 35.93 12.25
CA CYS A 233 1.75 37.33 12.63
C CYS A 233 0.42 37.98 12.25
N LYS A 234 -0.13 37.62 11.09
CA LYS A 234 -1.49 37.99 10.73
C LYS A 234 -2.47 37.45 11.79
N ALA A 235 -2.37 36.15 12.09
CA ALA A 235 -3.20 35.52 13.11
C ALA A 235 -3.12 36.22 14.45
N ALA A 236 -1.90 36.54 14.89
CA ALA A 236 -1.68 37.23 16.15
C ALA A 236 -2.37 38.59 16.17
N GLN A 237 -2.33 39.27 15.03
CA GLN A 237 -2.95 40.60 14.88
C GLN A 237 -4.46 40.51 14.97
N VAL A 238 -5.07 39.72 14.08
CA VAL A 238 -6.52 39.58 14.04
C VAL A 238 -7.11 38.92 15.30
N LEU A 239 -6.25 38.36 16.15
CA LEU A 239 -6.70 37.87 17.45
C LEU A 239 -6.72 39.03 18.44
N LYS A 240 -5.76 39.91 18.28
CA LYS A 240 -5.54 41.04 19.15
C LYS A 240 -6.54 42.12 18.86
N GLU A 241 -6.77 42.35 17.58
CA GLU A 241 -7.68 43.36 17.16
C GLU A 241 -8.95 43.10 17.90
N ARG A 242 -9.34 41.84 17.85
CA ARG A 242 -10.62 41.38 18.30
C ARG A 242 -10.66 40.92 19.74
N GLY A 243 -9.84 41.47 20.63
CA GLY A 243 -9.94 41.08 22.01
C GLY A 243 -8.84 40.46 22.85
N ALA A 244 -8.17 39.47 22.27
CA ALA A 244 -7.30 38.51 22.99
C ALA A 244 -6.29 39.13 23.96
N LYS A 245 -6.10 38.49 25.09
CA LYS A 245 -5.13 38.93 26.06
C LYS A 245 -3.78 38.79 25.46
N GLN A 246 -3.27 37.56 25.51
CA GLN A 246 -1.97 37.26 24.94
C GLN A 246 -2.03 36.24 23.84
N VAL A 247 -1.08 36.32 22.94
CA VAL A 247 -0.92 35.34 21.86
C VAL A 247 0.47 34.70 21.97
N PHE A 248 0.48 33.37 22.01
CA PHE A 248 1.70 32.60 22.10
C PHE A 248 1.69 31.60 20.96
N ALA A 249 2.86 31.35 20.38
CA ALA A 249 2.96 30.39 19.29
C ALA A 249 3.99 29.34 19.63
N TYR A 250 3.71 28.09 19.27
CA TYR A 250 4.66 26.98 19.39
C TYR A 250 4.84 26.28 18.03
N ALA A 251 6.09 26.04 17.67
CA ALA A 251 6.39 25.36 16.42
C ALA A 251 7.64 24.55 16.65
N THR A 252 7.66 23.34 16.12
CA THR A 252 8.85 22.50 16.23
C THR A 252 10.06 23.10 15.54
N HIS A 253 9.89 23.44 14.27
CA HIS A 253 11.02 23.76 13.38
C HIS A 253 11.16 25.25 13.06
N PRO A 254 12.20 25.88 13.62
CA PRO A 254 12.42 27.32 13.37
C PRO A 254 13.23 27.61 12.10
N VAL A 255 12.57 27.56 10.94
CA VAL A 255 13.23 27.88 9.66
C VAL A 255 13.57 29.37 9.63
N LEU A 256 12.56 30.21 9.83
CA LEU A 256 12.71 31.64 10.12
C LEU A 256 13.56 32.39 9.10
N SER A 257 13.15 32.33 7.85
CA SER A 257 13.91 33.00 6.78
C SER A 257 13.33 34.36 6.41
N GLY A 258 14.11 35.15 5.68
CA GLY A 258 13.67 36.43 5.07
C GLY A 258 12.83 37.39 5.90
N GLY A 259 13.41 37.90 6.98
CA GLY A 259 12.73 38.93 7.77
C GLY A 259 11.82 38.42 8.87
N ALA A 260 11.79 37.10 9.07
CA ALA A 260 10.94 36.48 10.09
C ALA A 260 11.13 37.10 11.49
N ALA A 261 12.38 37.19 11.94
CA ALA A 261 12.69 37.76 13.25
C ALA A 261 12.14 39.18 13.45
N ASP A 262 12.32 40.05 12.44
CA ASP A 262 11.76 41.42 12.47
C ASP A 262 10.24 41.47 12.49
N ARG A 263 9.62 40.64 11.67
CA ARG A 263 8.18 40.53 11.59
C ARG A 263 7.60 40.09 12.93
N ILE A 264 8.33 39.23 13.65
CA ILE A 264 7.91 38.69 14.94
C ILE A 264 8.06 39.71 16.07
N ALA A 265 9.23 40.35 16.16
CA ALA A 265 9.47 41.41 17.13
C ALA A 265 8.36 42.46 17.05
N ALA A 266 8.02 42.85 15.82
CA ALA A 266 7.04 43.90 15.56
C ALA A 266 5.57 43.44 15.70
N SER A 267 5.35 42.13 15.84
CA SER A 267 4.00 41.58 15.80
C SER A 267 3.30 41.54 17.15
N ALA A 268 2.04 41.10 17.11
CA ALA A 268 1.19 40.98 18.28
C ALA A 268 1.51 39.75 19.12
N LEU A 269 2.37 38.87 18.60
CA LEU A 269 2.85 37.70 19.34
C LEU A 269 3.54 38.14 20.61
N ASP A 270 3.32 37.38 21.69
CA ASP A 270 4.01 37.65 22.94
C ASP A 270 5.27 36.81 23.09
N GLU A 271 5.27 35.66 22.42
CA GLU A 271 6.43 34.77 22.38
C GLU A 271 6.23 33.78 21.24
N LEU A 272 7.34 33.42 20.58
CA LEU A 272 7.40 32.22 19.73
C LEU A 272 8.31 31.22 20.42
N VAL A 273 7.80 30.02 20.68
CA VAL A 273 8.60 28.97 21.30
C VAL A 273 8.89 27.85 20.29
N VAL A 274 10.15 27.49 20.16
CA VAL A 274 10.57 26.55 19.13
C VAL A 274 11.55 25.55 19.70
N THR A 275 11.85 24.49 18.96
CA THR A 275 12.89 23.55 19.37
C THR A 275 14.22 23.94 18.72
N ASP A 276 15.28 23.21 19.05
CA ASP A 276 16.63 23.50 18.56
C ASP A 276 17.09 22.56 17.44
N THR A 277 16.16 22.05 16.64
CA THR A 277 16.50 21.19 15.50
C THR A 277 17.19 21.99 14.40
N ILE A 278 16.82 23.26 14.27
CA ILE A 278 17.52 24.20 13.41
C ILE A 278 18.10 25.29 14.31
N PRO A 279 19.45 25.43 14.35
CA PRO A 279 20.01 26.47 15.22
C PRO A 279 19.57 27.86 14.78
N LEU A 280 19.33 28.71 15.78
CA LEU A 280 18.87 30.07 15.57
C LEU A 280 19.96 30.88 14.90
N SER A 281 19.59 31.63 13.86
CA SER A 281 20.47 32.62 13.25
C SER A 281 20.73 33.77 14.23
N ALA A 282 21.63 34.66 13.84
CA ALA A 282 21.99 35.81 14.67
C ALA A 282 20.78 36.71 14.96
N GLU A 283 19.95 36.95 13.93
CA GLU A 283 18.74 37.78 14.09
C GLU A 283 17.72 37.19 15.05
N SER A 284 17.51 35.88 14.97
CA SER A 284 16.58 35.16 15.85
C SER A 284 17.06 35.11 17.29
N LEU A 285 18.37 34.93 17.46
CA LEU A 285 19.02 35.01 18.77
C LEU A 285 18.77 36.37 19.40
N ALA A 286 18.90 37.41 18.59
CA ALA A 286 18.74 38.80 19.02
C ALA A 286 17.31 39.13 19.48
N CYS A 287 16.32 38.53 18.81
CA CYS A 287 14.90 38.75 19.11
C CYS A 287 14.46 38.11 20.44
N PRO A 288 14.09 38.94 21.43
CA PRO A 288 13.71 38.44 22.77
C PRO A 288 12.36 37.69 22.80
N LYS A 289 11.56 37.78 21.74
CA LYS A 289 10.30 37.07 21.66
C LYS A 289 10.47 35.59 21.28
N ILE A 290 11.66 35.23 20.77
CA ILE A 290 11.92 33.87 20.32
C ILE A 290 12.68 33.05 21.35
N ARG A 291 12.04 31.99 21.86
CA ARG A 291 12.63 31.08 22.85
C ARG A 291 12.75 29.65 22.31
N ALA A 292 13.92 29.03 22.50
CA ALA A 292 14.19 27.68 21.99
C ALA A 292 14.30 26.62 23.09
N LEU A 293 13.64 25.49 22.87
CA LEU A 293 13.70 24.33 23.79
C LEU A 293 14.57 23.21 23.23
N SER A 294 15.13 22.41 24.11
CA SER A 294 16.00 21.29 23.71
C SER A 294 15.23 20.07 23.20
N SER A 295 15.69 19.51 22.09
CA SER A 295 15.05 18.32 21.53
C SER A 295 15.93 17.09 21.75
N ALA A 296 17.06 17.31 22.44
CA ALA A 296 18.10 16.29 22.62
C ALA A 296 17.65 15.04 23.37
N GLY A 297 16.88 15.22 24.44
CA GLY A 297 16.31 14.10 25.21
C GLY A 297 15.34 13.22 24.42
N LEU A 298 14.54 13.85 23.57
CA LEU A 298 13.59 13.15 22.69
C LEU A 298 14.30 12.37 21.58
N LEU A 299 15.34 12.96 21.01
CA LEU A 299 16.19 12.28 20.03
C LEU A 299 16.95 11.12 20.67
N ALA A 300 17.55 11.35 21.83
CA ALA A 300 18.31 10.31 22.54
C ALA A 300 17.45 9.13 22.99
N GLU A 301 16.22 9.42 23.43
CA GLU A 301 15.24 8.39 23.78
C GLU A 301 14.80 7.59 22.55
N THR A 302 14.66 8.27 21.41
CA THR A 302 14.29 7.62 20.15
C THR A 302 15.39 6.66 19.66
N PHE A 303 16.63 7.12 19.76
CA PHE A 303 17.78 6.29 19.40
C PHE A 303 17.85 5.01 20.26
N SER A 304 17.74 5.17 21.58
CA SER A 304 17.77 4.03 22.54
C SER A 304 16.64 3.04 22.30
N ARG A 305 15.42 3.56 22.17
CA ARG A 305 14.24 2.73 21.89
C ARG A 305 14.37 1.93 20.60
N ILE A 306 14.89 2.57 19.56
CA ILE A 306 15.10 1.92 18.26
C ILE A 306 16.14 0.81 18.40
N ARG A 307 17.24 1.16 19.07
CA ARG A 307 18.37 0.28 19.34
C ARG A 307 17.99 -0.94 20.20
N ARG A 308 17.15 -0.71 21.22
CA ARG A 308 16.64 -1.78 22.08
C ARG A 308 15.50 -2.60 21.43
N GLY A 309 14.91 -2.07 20.36
CA GLY A 309 13.74 -2.68 19.73
C GLY A 309 12.44 -2.33 20.42
N ASP A 310 12.48 -1.33 21.30
CA ASP A 310 11.28 -0.87 22.00
C ASP A 310 10.42 -0.02 21.07
N SER A 311 9.16 0.22 21.47
CA SER A 311 8.25 0.98 20.63
C SER A 311 8.49 2.48 20.73
N VAL A 312 8.59 3.12 19.56
CA VAL A 312 8.82 4.56 19.45
C VAL A 312 7.53 5.36 19.64
N MET A 313 6.44 4.89 19.03
CA MET A 313 5.17 5.61 19.07
C MET A 313 4.52 5.66 20.45
N SER A 314 5.06 4.88 21.39
CA SER A 314 4.63 4.93 22.79
C SER A 314 5.00 6.25 23.48
N LEU A 315 5.88 7.04 22.86
CA LEU A 315 6.34 8.31 23.42
C LEU A 315 5.24 9.38 23.41
N ASP B 6 -2.82 5.01 -35.40
CA ASP B 6 -1.87 4.09 -36.10
C ASP B 6 -0.70 3.78 -35.19
N GLY B 7 -0.65 2.53 -34.73
CA GLY B 7 0.26 2.14 -33.66
C GLY B 7 -0.44 2.18 -32.32
N LEU B 8 -1.42 3.08 -32.17
CA LEU B 8 -2.22 3.17 -30.93
C LEU B 8 -3.14 1.97 -30.74
N MET B 9 -3.17 1.43 -29.52
CA MET B 9 -4.06 0.32 -29.19
C MET B 9 -4.65 0.52 -27.80
N VAL B 10 -5.93 0.23 -27.64
CA VAL B 10 -6.57 0.33 -26.32
C VAL B 10 -7.13 -1.03 -25.92
N PHE B 11 -6.76 -1.49 -24.72
CA PHE B 11 -7.29 -2.72 -24.17
C PHE B 11 -8.04 -2.42 -22.88
N THR B 12 -8.83 -3.39 -22.43
CA THR B 12 -9.59 -3.23 -21.19
C THR B 12 -9.77 -4.58 -20.51
N GLY B 13 -9.84 -4.56 -19.17
CA GLY B 13 -10.27 -5.74 -18.42
C GLY B 13 -11.76 -5.64 -18.14
N ASN B 14 -12.20 -6.10 -16.97
CA ASN B 14 -13.62 -6.15 -16.64
C ASN B 14 -14.09 -5.06 -15.65
N ALA B 15 -13.25 -4.11 -15.36
CA ALA B 15 -13.58 -3.05 -14.44
C ALA B 15 -14.65 -2.12 -14.99
N ASN B 16 -14.51 -1.73 -16.25
CA ASN B 16 -15.27 -0.67 -16.85
C ASN B 16 -15.37 -0.83 -18.36
N PRO B 17 -15.90 -1.93 -18.80
CA PRO B 17 -16.01 -2.21 -20.22
C PRO B 17 -16.81 -1.21 -21.04
N ALA B 18 -17.85 -0.62 -20.50
CA ALA B 18 -18.64 0.28 -21.28
C ALA B 18 -17.91 1.59 -21.57
N LEU B 19 -17.23 2.11 -20.57
CA LEU B 19 -16.37 3.29 -20.73
C LEU B 19 -15.30 3.10 -21.79
N ALA B 20 -14.68 1.92 -21.78
CA ALA B 20 -13.63 1.58 -22.75
C ALA B 20 -14.17 1.62 -24.17
N GLN B 21 -15.33 0.98 -24.37
CA GLN B 21 -16.05 0.99 -25.63
C GLN B 21 -16.35 2.42 -26.11
N GLU B 22 -16.83 3.28 -25.21
CA GLU B 22 -17.10 4.68 -25.54
C GLU B 22 -15.83 5.48 -25.89
N VAL B 23 -14.74 5.19 -25.18
CA VAL B 23 -13.45 5.86 -25.44
C VAL B 23 -12.93 5.55 -26.84
N VAL B 24 -12.91 4.27 -27.21
CA VAL B 24 -12.46 3.87 -28.54
C VAL B 24 -13.39 4.35 -29.67
N LYS B 25 -14.69 4.49 -29.38
CA LYS B 25 -15.65 5.06 -30.32
C LYS B 25 -15.24 6.48 -30.68
N ILE B 26 -14.89 7.28 -29.68
CA ILE B 26 -14.42 8.64 -29.89
C ILE B 26 -13.05 8.66 -30.59
N LEU B 27 -12.22 7.65 -30.34
CA LEU B 27 -10.89 7.58 -30.94
C LEU B 27 -10.94 7.09 -32.37
N GLY B 28 -12.02 6.41 -32.72
CA GLY B 28 -12.18 5.92 -34.10
C GLY B 28 -11.42 4.63 -34.33
N ILE B 29 -11.23 3.86 -33.26
CA ILE B 29 -10.48 2.62 -33.36
C ILE B 29 -11.26 1.51 -32.68
N PRO B 30 -11.04 0.26 -33.13
CA PRO B 30 -11.64 -0.85 -32.39
C PRO B 30 -10.96 -1.07 -31.04
N LEU B 31 -11.67 -1.76 -30.15
CA LEU B 31 -11.11 -2.24 -28.92
C LEU B 31 -10.13 -3.36 -29.23
N GLY B 32 -8.95 -3.32 -28.62
CA GLY B 32 -7.97 -4.42 -28.72
C GLY B 32 -8.56 -5.75 -28.27
N LYS B 33 -8.31 -6.80 -29.06
CA LYS B 33 -8.86 -8.14 -28.78
C LYS B 33 -8.13 -8.85 -27.63
N ALA B 34 -8.85 -9.17 -26.56
CA ALA B 34 -8.24 -9.87 -25.43
C ALA B 34 -9.28 -10.68 -24.68
N MET B 35 -8.89 -11.87 -24.24
CA MET B 35 -9.69 -12.64 -23.31
C MET B 35 -9.23 -12.32 -21.87
N VAL B 36 -10.10 -11.70 -21.08
CA VAL B 36 -9.81 -11.42 -19.68
C VAL B 36 -10.90 -12.13 -18.87
N SER B 37 -10.54 -13.27 -18.31
CA SER B 37 -11.53 -14.18 -17.77
C SER B 37 -11.08 -14.77 -16.45
N ARG B 38 -11.62 -15.93 -16.10
CA ARG B 38 -11.25 -16.66 -14.89
C ARG B 38 -11.11 -18.16 -15.18
N PHE B 39 -10.19 -18.81 -14.49
CA PHE B 39 -10.15 -20.28 -14.40
C PHE B 39 -11.21 -20.77 -13.38
N SER B 40 -11.55 -22.05 -13.41
CA SER B 40 -12.59 -22.57 -12.52
C SER B 40 -12.30 -22.27 -11.04
N ASP B 41 -11.01 -22.28 -10.67
CA ASP B 41 -10.57 -21.93 -9.31
C ASP B 41 -10.56 -20.42 -9.01
N GLY B 42 -10.79 -19.60 -10.04
CA GLY B 42 -10.92 -18.15 -9.84
C GLY B 42 -9.70 -17.31 -10.14
N GLU B 43 -8.59 -17.98 -10.50
CA GLU B 43 -7.39 -17.26 -10.90
C GLU B 43 -7.68 -16.64 -12.24
N ILE B 44 -7.05 -15.49 -12.50
CA ILE B 44 -7.31 -14.73 -13.72
C ILE B 44 -6.76 -15.46 -14.94
N GLN B 45 -7.54 -15.44 -16.02
CA GLN B 45 -7.16 -16.00 -17.30
C GLN B 45 -7.04 -14.89 -18.34
N VAL B 46 -5.86 -14.77 -18.95
CA VAL B 46 -5.61 -13.70 -19.93
C VAL B 46 -4.86 -14.20 -21.17
N GLU B 47 -5.37 -13.83 -22.34
CA GLU B 47 -4.66 -13.98 -23.60
C GLU B 47 -4.89 -12.74 -24.44
N ILE B 48 -3.81 -12.11 -24.88
CA ILE B 48 -3.92 -11.07 -25.89
C ILE B 48 -4.22 -11.77 -27.21
N GLN B 49 -5.37 -11.46 -27.79
CA GLN B 49 -5.82 -12.17 -28.97
C GLN B 49 -5.52 -11.40 -30.24
N GLU B 50 -4.44 -10.63 -30.19
CA GLU B 50 -4.07 -9.76 -31.29
C GLU B 50 -2.61 -9.40 -31.20
N ASN B 51 -2.04 -9.09 -32.35
CA ASN B 51 -0.68 -8.63 -32.51
C ASN B 51 -0.47 -7.25 -31.86
N VAL B 52 0.51 -7.14 -30.98
CA VAL B 52 0.81 -5.86 -30.31
C VAL B 52 2.28 -5.44 -30.44
N ARG B 53 3.05 -6.12 -31.29
CA ARG B 53 4.49 -5.90 -31.41
C ARG B 53 4.87 -4.46 -31.80
N GLY B 54 5.57 -3.78 -30.90
CA GLY B 54 6.00 -2.41 -31.12
C GLY B 54 4.90 -1.38 -31.02
N LYS B 55 3.74 -1.79 -30.50
CA LYS B 55 2.56 -0.91 -30.51
C LYS B 55 2.50 -0.06 -29.26
N ASP B 56 1.87 1.11 -29.40
CA ASP B 56 1.64 2.05 -28.33
C ASP B 56 0.33 1.66 -27.61
N VAL B 57 0.45 0.87 -26.55
CA VAL B 57 -0.68 0.21 -25.90
C VAL B 57 -1.12 0.90 -24.60
N PHE B 58 -2.41 1.24 -24.52
CA PHE B 58 -3.04 1.82 -23.34
C PHE B 58 -3.97 0.79 -22.76
N VAL B 59 -3.84 0.51 -21.47
CA VAL B 59 -4.81 -0.36 -20.82
C VAL B 59 -5.73 0.48 -19.95
N LEU B 60 -7.02 0.38 -20.23
CA LEU B 60 -8.05 1.16 -19.56
C LEU B 60 -8.74 0.28 -18.52
N GLN B 61 -8.37 0.48 -17.26
CA GLN B 61 -8.91 -0.30 -16.17
C GLN B 61 -8.82 0.48 -14.87
N SER B 62 -9.96 0.90 -14.38
CA SER B 62 -10.08 1.40 -13.04
C SER B 62 -9.90 0.29 -12.05
N THR B 63 -9.28 0.59 -10.95
CA THR B 63 -9.12 -0.39 -9.93
C THR B 63 -10.21 -0.24 -8.87
N CYS B 64 -11.44 -0.25 -9.34
CA CYS B 64 -12.62 -0.17 -8.52
C CYS B 64 -12.97 -1.54 -8.01
N ALA B 65 -13.96 -1.64 -7.13
CA ALA B 65 -14.48 -2.92 -6.63
C ALA B 65 -14.92 -3.83 -7.78
N PRO B 66 -14.57 -5.14 -7.73
CA PRO B 66 -13.68 -5.80 -6.75
C PRO B 66 -12.22 -5.40 -6.97
N THR B 67 -11.64 -4.74 -5.98
CA THR B 67 -10.40 -3.97 -6.15
C THR B 67 -9.18 -4.83 -6.52
N ASN B 68 -8.99 -5.89 -5.76
CA ASN B 68 -7.86 -6.80 -5.97
C ASN B 68 -7.96 -7.57 -7.28
N ASP B 69 -9.18 -7.97 -7.68
CA ASP B 69 -9.35 -8.70 -8.95
C ASP B 69 -9.06 -7.81 -10.15
N ASN B 70 -9.57 -6.57 -10.08
CA ASN B 70 -9.31 -5.60 -11.12
C ASN B 70 -7.86 -5.17 -11.21
N LEU B 71 -7.19 -5.06 -10.06
CA LEU B 71 -5.76 -4.72 -10.06
C LEU B 71 -4.92 -5.84 -10.69
N MET B 72 -5.21 -7.07 -10.29
CA MET B 72 -4.49 -8.22 -10.79
C MET B 72 -4.72 -8.48 -12.28
N GLU B 73 -5.93 -8.14 -12.77
CA GLU B 73 -6.21 -8.24 -14.21
C GLU B 73 -5.29 -7.30 -14.96
N LEU B 74 -5.17 -6.09 -14.41
CA LEU B 74 -4.26 -5.10 -14.97
C LEU B 74 -2.82 -5.60 -14.95
N MET B 75 -2.39 -6.17 -13.83
CA MET B 75 -1.05 -6.72 -13.67
C MET B 75 -0.74 -7.80 -14.72
N ILE B 76 -1.65 -8.75 -14.83
CA ILE B 76 -1.50 -9.89 -15.71
C ILE B 76 -1.60 -9.50 -17.19
N MET B 77 -2.51 -8.58 -17.52
CA MET B 77 -2.60 -8.04 -18.89
C MET B 77 -1.32 -7.30 -19.28
N VAL B 78 -0.78 -6.52 -18.34
CA VAL B 78 0.45 -5.77 -18.57
C VAL B 78 1.63 -6.71 -18.85
N ASP B 79 1.75 -7.77 -18.04
CA ASP B 79 2.75 -8.80 -18.29
C ASP B 79 2.56 -9.49 -19.64
N ALA B 80 1.32 -9.80 -20.01
CA ALA B 80 1.03 -10.48 -21.26
C ALA B 80 1.50 -9.65 -22.44
N LEU B 81 1.24 -8.34 -22.33
CA LEU B 81 1.56 -7.35 -23.35
C LEU B 81 3.07 -7.15 -23.47
N LYS B 82 3.72 -7.04 -22.32
CA LYS B 82 5.17 -6.82 -22.26
C LYS B 82 5.90 -7.98 -22.95
N ARG B 83 5.51 -9.21 -22.63
CA ARG B 83 6.12 -10.41 -23.22
C ARG B 83 5.78 -10.62 -24.71
N ALA B 84 4.69 -10.01 -25.15
CA ALA B 84 4.29 -10.01 -26.56
C ALA B 84 4.94 -8.83 -27.28
N SER B 85 5.85 -8.15 -26.56
CA SER B 85 6.72 -7.13 -27.15
C SER B 85 5.97 -5.89 -27.58
N ALA B 86 5.03 -5.43 -26.74
CA ALA B 86 4.40 -4.13 -26.94
C ALA B 86 5.49 -3.04 -26.90
N GLY B 87 5.39 -2.06 -27.80
CA GLY B 87 6.35 -0.95 -27.82
C GLY B 87 6.34 -0.11 -26.57
N ARG B 88 5.14 0.15 -26.03
CA ARG B 88 4.99 0.94 -24.82
C ARG B 88 3.67 0.60 -24.16
N ILE B 89 3.67 0.62 -22.83
CA ILE B 89 2.50 0.29 -22.02
C ILE B 89 2.17 1.47 -21.10
N THR B 90 0.96 1.99 -21.29
CA THR B 90 0.39 3.05 -20.47
C THR B 90 -0.84 2.52 -19.73
N ALA B 91 -0.84 2.58 -18.40
CA ALA B 91 -2.03 2.20 -17.63
C ALA B 91 -2.93 3.43 -17.44
N ALA B 92 -4.11 3.39 -18.06
CA ALA B 92 -5.14 4.43 -17.84
C ALA B 92 -6.11 3.93 -16.76
N ILE B 93 -5.90 4.42 -15.53
CA ILE B 93 -6.67 4.03 -14.34
C ILE B 93 -7.48 5.23 -13.85
N PRO B 94 -8.67 5.46 -14.45
CA PRO B 94 -9.45 6.67 -14.12
C PRO B 94 -9.75 6.82 -12.63
N TYR B 95 -10.25 5.77 -12.00
CA TYR B 95 -10.32 5.68 -10.54
C TYR B 95 -9.19 4.80 -9.98
N PHE B 96 -8.31 5.41 -9.21
CA PHE B 96 -7.17 4.71 -8.61
C PHE B 96 -7.55 4.16 -7.25
N GLY B 97 -7.84 2.86 -7.17
CA GLY B 97 -8.17 2.22 -5.89
C GLY B 97 -6.98 2.19 -4.93
N TYR B 98 -7.26 2.16 -3.62
CA TYR B 98 -6.24 2.21 -2.55
C TYR B 98 -5.62 3.60 -2.32
N ALA B 99 -6.09 4.59 -3.08
CA ALA B 99 -5.62 5.98 -2.97
C ALA B 99 -5.81 6.60 -1.60
N ARG B 100 -6.76 6.08 -0.81
CA ARG B 100 -7.03 6.58 0.52
C ARG B 100 -6.06 6.07 1.60
N GLN B 101 -5.29 5.05 1.24
CA GLN B 101 -4.21 4.56 2.09
C GLN B 101 -2.88 5.10 1.56
N ASP B 102 -2.63 6.38 1.88
CA ASP B 102 -1.52 7.13 1.33
C ASP B 102 -0.52 7.55 2.42
N ARG B 103 -0.72 7.04 3.64
CA ARG B 103 0.06 7.42 4.80
C ARG B 103 -0.22 6.45 5.92
N ARG B 104 0.56 6.54 6.99
CA ARG B 104 0.29 5.85 8.24
C ARG B 104 -0.14 6.90 9.26
N PRO B 105 -1.42 7.01 9.55
CA PRO B 105 -1.88 7.97 10.53
C PRO B 105 -1.16 7.90 11.86
N ARG B 106 -0.80 9.03 12.41
CA ARG B 106 -0.02 9.07 13.62
C ARG B 106 0.74 7.79 13.77
N SER B 107 1.26 7.36 12.62
CA SER B 107 2.26 6.33 12.47
C SER B 107 1.86 4.97 12.99
N ALA B 108 0.58 4.69 12.85
CA ALA B 108 -0.03 3.40 13.23
C ALA B 108 0.60 2.35 12.36
N ARG B 109 0.59 1.10 12.81
CA ARG B 109 1.32 0.05 12.11
C ARG B 109 0.50 -0.54 10.96
N VAL B 110 0.32 0.31 9.95
CA VAL B 110 -0.46 0.00 8.76
C VAL B 110 0.42 0.10 7.51
N ALA B 111 -0.13 -0.33 6.37
CA ALA B 111 0.57 -0.24 5.09
C ALA B 111 0.28 1.09 4.40
N ILE B 112 1.22 1.58 3.61
CA ILE B 112 0.89 2.64 2.65
C ILE B 112 0.55 1.93 1.33
N SER B 113 -0.69 1.45 1.27
CA SER B 113 -1.18 0.61 0.18
C SER B 113 -1.09 1.21 -1.22
N ALA B 114 -1.26 2.53 -1.33
CA ALA B 114 -1.20 3.18 -2.64
C ALA B 114 0.22 3.14 -3.20
N LYS B 115 1.21 3.12 -2.30
CA LYS B 115 2.61 2.96 -2.69
C LYS B 115 2.92 1.52 -3.13
N VAL B 116 2.40 0.54 -2.40
CA VAL B 116 2.49 -0.87 -2.81
C VAL B 116 1.99 -1.04 -4.23
N VAL B 117 0.80 -0.49 -4.52
CA VAL B 117 0.24 -0.57 -5.88
C VAL B 117 1.08 0.16 -6.93
N ALA B 118 1.60 1.33 -6.57
CA ALA B 118 2.53 2.04 -7.45
C ALA B 118 3.72 1.13 -7.82
N ASN B 119 4.35 0.53 -6.80
CA ASN B 119 5.45 -0.42 -7.01
C ASN B 119 5.08 -1.63 -7.85
N MET B 120 3.91 -2.20 -7.60
CA MET B 120 3.39 -3.32 -8.40
C MET B 120 3.25 -3.01 -9.89
N LEU B 121 2.66 -1.86 -10.20
CA LEU B 121 2.47 -1.44 -11.62
C LEU B 121 3.78 -1.19 -12.33
N GLU B 122 4.71 -0.49 -11.65
CA GLU B 122 6.04 -0.30 -12.20
C GLU B 122 6.77 -1.64 -12.42
N ILE B 123 6.69 -2.57 -11.47
CA ILE B 123 7.37 -3.86 -11.63
C ILE B 123 6.78 -4.76 -12.73
N ALA B 124 5.49 -4.56 -13.05
CA ALA B 124 4.81 -5.32 -14.11
C ALA B 124 5.20 -4.84 -15.52
N GLY B 125 5.69 -3.61 -15.59
CA GLY B 125 6.19 -3.05 -16.83
C GLY B 125 5.39 -1.87 -17.34
N VAL B 126 4.63 -1.22 -16.45
CA VAL B 126 3.89 -0.01 -16.80
C VAL B 126 4.86 1.16 -16.93
N GLU B 127 4.79 1.88 -18.04
CA GLU B 127 5.69 3.02 -18.29
C GLU B 127 5.08 4.40 -17.97
N ARG B 128 3.77 4.51 -18.08
CA ARG B 128 3.08 5.78 -17.88
C ARG B 128 1.74 5.53 -17.23
N ILE B 129 1.33 6.43 -16.34
CA ILE B 129 0.05 6.34 -15.67
C ILE B 129 -0.83 7.52 -16.09
N ILE B 130 -2.07 7.24 -16.45
CA ILE B 130 -3.09 8.29 -16.54
C ILE B 130 -4.18 8.04 -15.51
N THR B 131 -4.51 9.05 -14.71
CA THR B 131 -5.56 8.94 -13.69
C THR B 131 -6.39 10.22 -13.59
N MET B 132 -7.59 10.11 -13.03
CA MET B 132 -8.52 11.22 -12.91
C MET B 132 -8.82 11.53 -11.44
N ASP B 133 -8.65 12.78 -11.04
CA ASP B 133 -8.91 13.25 -9.67
C ASP B 133 -8.37 12.33 -8.57
N LEU B 134 -7.07 12.06 -8.68
CA LEU B 134 -6.31 11.33 -7.69
C LEU B 134 -6.63 11.89 -6.30
N HIS B 135 -6.99 11.00 -5.38
CA HIS B 135 -7.46 11.39 -4.06
C HIS B 135 -6.45 12.26 -3.29
N ALA B 136 -5.17 11.96 -3.48
CA ALA B 136 -4.08 12.72 -2.89
C ALA B 136 -3.02 13.02 -3.96
N ASP B 137 -2.67 14.30 -4.11
CA ASP B 137 -1.70 14.75 -5.11
C ASP B 137 -0.29 14.18 -4.89
N GLN B 138 0.02 13.85 -3.64
CA GLN B 138 1.29 13.26 -3.25
C GLN B 138 1.47 11.85 -3.80
N ILE B 139 0.37 11.16 -4.13
CA ILE B 139 0.47 9.85 -4.78
C ILE B 139 1.30 9.90 -6.08
N GLN B 140 1.29 11.03 -6.77
CA GLN B 140 2.18 11.19 -7.93
C GLN B 140 3.65 10.89 -7.60
N GLY B 141 4.05 11.22 -6.36
CA GLY B 141 5.39 10.94 -5.87
C GLY B 141 5.65 9.51 -5.43
N PHE B 142 4.61 8.68 -5.38
CA PHE B 142 4.79 7.24 -5.15
C PHE B 142 5.33 6.54 -6.39
N PHE B 143 5.27 7.22 -7.52
CA PHE B 143 5.74 6.69 -8.80
C PHE B 143 7.05 7.33 -9.22
N ASP B 144 7.85 6.56 -9.96
CA ASP B 144 9.07 7.06 -10.63
C ASP B 144 8.92 7.07 -12.15
N ILE B 145 7.69 6.87 -12.59
CA ILE B 145 7.31 6.99 -14.00
C ILE B 145 6.34 8.17 -14.14
N PRO B 146 6.17 8.72 -15.36
CA PRO B 146 5.25 9.86 -15.56
C PRO B 146 3.79 9.56 -15.14
N VAL B 147 3.21 10.49 -14.38
CA VAL B 147 1.82 10.42 -13.95
C VAL B 147 1.06 11.67 -14.40
N ASP B 148 0.05 11.45 -15.25
CA ASP B 148 -0.86 12.50 -15.69
C ASP B 148 -2.17 12.39 -14.92
N ASN B 149 -2.43 13.36 -14.05
CA ASN B 149 -3.66 13.43 -13.27
C ASN B 149 -4.60 14.40 -13.95
N ILE B 150 -5.69 13.89 -14.52
CA ILE B 150 -6.66 14.75 -15.20
C ILE B 150 -7.87 15.05 -14.32
N TYR B 151 -8.64 16.07 -14.68
CA TYR B 151 -9.69 16.55 -13.81
C TYR B 151 -11.06 16.42 -14.45
N ALA B 152 -12.04 15.97 -13.67
CA ALA B 152 -13.42 15.93 -14.16
C ALA B 152 -14.12 17.30 -14.04
N THR B 153 -13.40 18.29 -13.49
CA THR B 153 -13.93 19.64 -13.30
C THR B 153 -14.66 20.23 -14.52
N PRO B 154 -14.05 20.18 -15.73
CA PRO B 154 -14.79 20.64 -16.92
C PRO B 154 -16.15 19.96 -17.17
N ILE B 155 -16.25 18.66 -16.86
CA ILE B 155 -17.51 17.92 -16.96
C ILE B 155 -18.48 18.39 -15.87
N LEU B 156 -18.03 18.32 -14.61
CA LEU B 156 -18.88 18.64 -13.46
C LEU B 156 -19.35 20.10 -13.42
N LEU B 157 -18.41 21.03 -13.60
CA LEU B 157 -18.74 22.47 -13.67
C LEU B 157 -19.52 22.82 -14.91
N GLY B 158 -19.20 22.16 -16.02
CA GLY B 158 -19.96 22.31 -17.24
C GLY B 158 -21.42 22.05 -17.00
N ASP B 159 -21.72 20.91 -16.37
CA ASP B 159 -23.08 20.52 -16.07
C ASP B 159 -23.72 21.41 -15.01
N LEU B 160 -22.96 21.79 -14.00
CA LEU B 160 -23.46 22.66 -12.94
C LEU B 160 -23.88 24.02 -13.49
N ARG B 161 -23.08 24.55 -14.41
CA ARG B 161 -23.36 25.84 -15.03
C ARG B 161 -24.59 25.74 -15.93
N LYS B 162 -24.68 24.63 -16.66
CA LYS B 162 -25.85 24.32 -17.49
C LYS B 162 -27.17 24.36 -16.71
N GLN B 163 -27.12 23.91 -15.46
CA GLN B 163 -28.31 23.81 -14.62
C GLN B 163 -28.87 25.19 -14.28
N ASN B 164 -27.98 26.18 -14.18
CA ASN B 164 -28.38 27.59 -14.06
C ASN B 164 -29.15 27.82 -12.76
N TYR B 165 -28.60 27.31 -11.66
CA TYR B 165 -29.26 27.42 -10.36
C TYR B 165 -29.25 28.85 -9.82
N PRO B 166 -30.39 29.28 -9.24
CA PRO B 166 -30.48 30.60 -8.63
C PRO B 166 -29.79 30.63 -7.27
N ASP B 167 -29.19 31.77 -6.93
CA ASP B 167 -28.64 32.02 -5.58
C ASP B 167 -27.59 30.98 -5.21
N LEU B 168 -26.70 30.67 -6.15
CA LEU B 168 -25.77 29.56 -6.02
C LEU B 168 -24.74 29.80 -4.92
N LEU B 169 -24.64 28.83 -4.01
CA LEU B 169 -23.68 28.88 -2.91
C LEU B 169 -22.86 27.60 -2.86
N VAL B 170 -21.54 27.74 -2.74
CA VAL B 170 -20.66 26.58 -2.63
C VAL B 170 -20.43 26.25 -1.16
N VAL B 171 -20.49 24.95 -0.84
CA VAL B 171 -20.33 24.49 0.54
C VAL B 171 -19.19 23.48 0.66
N SER B 172 -18.29 23.69 1.62
CA SER B 172 -17.39 22.64 2.06
C SER B 172 -18.10 21.88 3.17
N PRO B 173 -18.32 20.60 2.95
CA PRO B 173 -19.02 19.76 3.90
C PRO B 173 -18.17 19.52 5.11
N ASP B 174 -16.86 19.49 4.89
CA ASP B 174 -15.84 19.16 5.86
C ASP B 174 -15.31 20.33 6.63
N VAL B 175 -14.01 20.26 6.79
CA VAL B 175 -13.18 21.37 7.20
C VAL B 175 -11.92 21.20 6.38
N GLY B 176 -11.51 19.96 6.23
CA GLY B 176 -10.37 19.67 5.37
C GLY B 176 -10.72 19.70 3.89
N GLY B 177 -11.54 20.69 3.50
CA GLY B 177 -11.95 20.85 2.10
C GLY B 177 -12.24 22.28 1.68
N VAL B 178 -12.00 23.23 2.60
CA VAL B 178 -12.27 24.67 2.39
C VAL B 178 -11.34 25.30 1.34
N VAL B 179 -10.16 24.69 1.16
CA VAL B 179 -9.20 25.14 0.16
C VAL B 179 -9.77 24.93 -1.25
N ARG B 180 -10.14 23.69 -1.56
CA ARG B 180 -10.77 23.33 -2.84
C ARG B 180 -12.11 24.06 -3.05
N ALA B 181 -12.90 24.15 -1.98
CA ALA B 181 -14.21 24.81 -2.02
C ALA B 181 -14.14 26.30 -2.35
N ARG B 182 -13.19 27.02 -1.74
CA ARG B 182 -13.03 28.45 -2.05
C ARG B 182 -12.47 28.67 -3.46
N ALA B 183 -11.60 27.76 -3.91
CA ALA B 183 -11.11 27.76 -5.28
C ALA B 183 -12.28 27.58 -6.26
N LEU B 184 -13.23 26.73 -5.89
CA LEU B 184 -14.45 26.50 -6.66
C LEU B 184 -15.40 27.68 -6.61
N ALA B 185 -15.49 28.31 -5.44
CA ALA B 185 -16.30 29.51 -5.25
C ALA B 185 -15.76 30.68 -6.08
N LYS B 186 -14.44 30.83 -6.10
CA LYS B 186 -13.76 31.87 -6.87
C LYS B 186 -13.97 31.70 -8.38
N GLN B 187 -14.18 30.45 -8.80
CA GLN B 187 -14.35 30.11 -10.20
C GLN B 187 -15.79 30.28 -10.64
N LEU B 188 -16.71 30.13 -9.71
CA LEU B 188 -18.12 30.33 -9.96
C LEU B 188 -18.49 31.69 -9.44
N ASN B 189 -17.60 32.33 -8.70
CA ASN B 189 -18.02 33.62 -8.23
C ASN B 189 -19.31 33.45 -7.50
N CYS B 190 -19.37 32.82 -6.34
CA CYS B 190 -20.60 32.80 -5.63
C CYS B 190 -20.03 32.73 -4.23
N ASP B 191 -20.87 32.77 -3.22
CA ASP B 191 -20.35 32.82 -1.89
C ASP B 191 -19.96 31.44 -1.41
N LEU B 192 -19.28 31.39 -0.29
CA LEU B 192 -18.75 30.14 0.23
C LEU B 192 -19.28 29.92 1.63
N ALA B 193 -19.72 28.70 1.92
CA ALA B 193 -20.18 28.31 3.25
C ALA B 193 -19.38 27.10 3.72
N ILE B 194 -19.27 26.92 5.04
CA ILE B 194 -18.50 25.80 5.59
C ILE B 194 -19.29 24.99 6.62
N GLY B 212 -20.77 29.65 7.49
CA GLY B 212 -21.26 30.77 6.68
C GLY B 212 -22.75 30.98 6.81
N GLU B 213 -23.34 31.68 5.83
CA GLU B 213 -24.79 31.97 5.80
C GLU B 213 -25.46 31.25 4.63
N VAL B 214 -26.64 30.69 4.87
CA VAL B 214 -27.20 29.70 3.96
C VAL B 214 -28.66 29.80 3.54
N GLU B 215 -29.48 30.56 4.23
CA GLU B 215 -30.91 30.55 3.98
C GLU B 215 -31.23 31.03 2.59
N GLY B 216 -32.14 30.35 1.92
CA GLY B 216 -32.69 30.85 0.68
C GLY B 216 -31.89 30.52 -0.55
N ARG B 217 -30.76 29.91 -0.32
CA ARG B 217 -29.77 29.67 -1.37
C ARG B 217 -29.58 28.22 -1.81
N THR B 218 -29.27 28.03 -3.09
CA THR B 218 -28.97 26.72 -3.67
C THR B 218 -27.51 26.32 -3.41
N CYS B 219 -27.34 25.29 -2.59
CA CYS B 219 -26.05 24.84 -2.11
C CYS B 219 -25.47 23.70 -2.95
N VAL B 220 -24.20 23.81 -3.30
CA VAL B 220 -23.50 22.77 -4.06
C VAL B 220 -22.23 22.27 -3.36
N ILE B 221 -22.14 20.95 -3.22
CA ILE B 221 -20.97 20.30 -2.66
C ILE B 221 -20.22 19.57 -3.77
N MET B 222 -18.91 19.78 -3.84
CA MET B 222 -18.07 19.03 -4.78
C MET B 222 -16.96 18.27 -4.06
N ASP B 223 -16.92 16.97 -4.29
CA ASP B 223 -15.96 16.03 -3.72
C ASP B 223 -15.30 15.32 -4.90
N ASP B 224 -14.14 14.72 -4.66
CA ASP B 224 -13.51 13.88 -5.68
C ASP B 224 -14.19 12.51 -5.71
N MET B 225 -14.82 12.18 -4.60
CA MET B 225 -15.26 10.83 -4.34
C MET B 225 -16.58 10.81 -3.56
N VAL B 226 -17.42 9.83 -3.85
CA VAL B 226 -18.56 9.49 -2.97
C VAL B 226 -18.63 7.99 -2.67
N ASP B 227 -18.45 7.66 -1.40
CA ASP B 227 -18.45 6.28 -0.94
C ASP B 227 -19.76 5.87 -0.23
N THR B 228 -19.87 6.09 1.07
CA THR B 228 -21.11 5.79 1.75
C THR B 228 -22.10 6.94 1.66
N ALA B 229 -21.61 8.15 1.55
CA ALA B 229 -22.50 9.29 1.42
C ALA B 229 -22.95 9.77 2.79
N GLY B 230 -22.49 9.13 3.84
CA GLY B 230 -22.94 9.46 5.18
C GLY B 230 -22.69 10.88 5.54
N THR B 231 -21.59 11.42 5.06
CA THR B 231 -21.19 12.76 5.31
C THR B 231 -21.97 13.70 4.42
N LEU B 232 -22.04 13.32 3.16
CA LEU B 232 -22.78 14.03 2.16
C LEU B 232 -24.20 14.23 2.59
N CYS B 233 -24.88 13.18 3.01
CA CYS B 233 -26.28 13.31 3.30
C CYS B 233 -26.54 14.04 4.58
N LYS B 234 -25.63 13.96 5.51
CA LYS B 234 -25.74 14.74 6.75
C LYS B 234 -25.68 16.25 6.49
N ALA B 235 -24.73 16.66 5.66
CA ALA B 235 -24.60 18.05 5.25
C ALA B 235 -25.86 18.56 4.57
N ALA B 236 -26.40 17.78 3.62
CA ALA B 236 -27.63 18.17 2.94
C ALA B 236 -28.75 18.42 3.96
N GLN B 237 -28.88 17.54 4.93
CA GLN B 237 -29.88 17.67 5.99
C GLN B 237 -29.73 18.97 6.79
N VAL B 238 -28.52 19.18 7.33
CA VAL B 238 -28.18 20.37 8.11
C VAL B 238 -28.41 21.67 7.32
N LEU B 239 -27.90 21.72 6.10
CA LEU B 239 -28.08 22.86 5.21
C LEU B 239 -29.54 23.23 5.04
N LYS B 240 -30.38 22.23 4.85
CA LYS B 240 -31.80 22.45 4.65
C LYS B 240 -32.52 22.94 5.93
N GLU B 241 -31.90 22.69 7.06
CA GLU B 241 -32.56 22.85 8.32
C GLU B 241 -32.47 24.31 8.57
N ARG B 242 -31.37 24.84 8.08
CA ARG B 242 -31.04 26.22 8.12
C ARG B 242 -31.62 26.87 6.89
N GLY B 243 -32.43 26.13 6.15
CA GLY B 243 -33.24 26.77 5.13
C GLY B 243 -32.73 26.89 3.72
N ALA B 244 -31.69 26.12 3.38
CA ALA B 244 -31.21 26.02 2.00
C ALA B 244 -32.37 25.72 1.05
N LYS B 245 -32.43 26.43 -0.07
CA LYS B 245 -33.47 26.24 -1.09
C LYS B 245 -33.40 24.82 -1.67
N GLN B 246 -32.22 24.46 -2.18
CA GLN B 246 -31.92 23.11 -2.68
C GLN B 246 -30.46 22.73 -2.35
N VAL B 247 -30.16 21.43 -2.38
CA VAL B 247 -28.78 20.95 -2.19
C VAL B 247 -28.38 19.98 -3.29
N PHE B 248 -27.28 20.29 -3.96
CA PHE B 248 -26.74 19.42 -5.02
C PHE B 248 -25.33 18.97 -4.69
N ALA B 249 -25.00 17.74 -5.08
CA ALA B 249 -23.68 17.19 -4.84
C ALA B 249 -23.06 16.73 -6.14
N TYR B 250 -21.79 17.09 -6.33
CA TYR B 250 -20.99 16.72 -7.51
C TYR B 250 -19.72 15.99 -7.12
N ALA B 251 -19.51 14.80 -7.68
CA ALA B 251 -18.36 13.99 -7.35
C ALA B 251 -17.87 13.23 -8.56
N THR B 252 -16.56 13.06 -8.66
CA THR B 252 -15.97 12.33 -9.77
C THR B 252 -16.22 10.83 -9.64
N HIS B 253 -15.86 10.26 -8.51
CA HIS B 253 -15.87 8.80 -8.40
C HIS B 253 -17.02 8.26 -7.56
N PRO B 254 -17.93 7.52 -8.20
CA PRO B 254 -19.05 6.90 -7.51
C PRO B 254 -18.69 5.52 -6.93
N VAL B 255 -17.99 5.53 -5.81
CA VAL B 255 -17.65 4.28 -5.13
C VAL B 255 -18.98 3.67 -4.69
N LEU B 256 -19.75 4.45 -3.93
CA LEU B 256 -21.15 4.15 -3.61
C LEU B 256 -21.38 2.78 -2.95
N SER B 257 -20.77 2.57 -1.79
CA SER B 257 -21.01 1.40 -0.97
C SER B 257 -21.61 1.88 0.37
N GLY B 258 -22.18 1.01 1.21
CA GLY B 258 -22.76 -0.26 0.80
C GLY B 258 -24.23 0.02 0.61
N GLY B 259 -24.82 0.78 1.55
CA GLY B 259 -26.20 1.24 1.41
C GLY B 259 -26.26 2.69 0.98
N ALA B 260 -25.31 3.09 0.13
CA ALA B 260 -25.16 4.48 -0.30
C ALA B 260 -26.32 4.97 -1.16
N ALA B 261 -26.66 4.19 -2.18
CA ALA B 261 -27.71 4.53 -3.12
C ALA B 261 -29.05 4.71 -2.40
N ASP B 262 -29.36 3.79 -1.48
CA ASP B 262 -30.56 3.89 -0.66
C ASP B 262 -30.57 5.13 0.23
N ARG B 263 -29.46 5.43 0.89
CA ARG B 263 -29.42 6.56 1.79
C ARG B 263 -29.40 7.93 1.09
N ILE B 264 -28.91 7.94 -0.16
CA ILE B 264 -29.01 9.13 -1.03
C ILE B 264 -30.46 9.37 -1.43
N ALA B 265 -31.18 8.31 -1.80
CA ALA B 265 -32.61 8.38 -2.13
C ALA B 265 -33.43 9.00 -0.99
N ALA B 266 -33.22 8.50 0.23
CA ALA B 266 -33.95 8.93 1.42
C ALA B 266 -33.47 10.24 2.05
N SER B 267 -32.58 10.96 1.37
CA SER B 267 -31.88 12.10 1.95
C SER B 267 -32.41 13.46 1.48
N ALA B 268 -31.99 14.51 2.19
CA ALA B 268 -32.33 15.90 1.84
C ALA B 268 -31.65 16.35 0.55
N LEU B 269 -30.85 15.47 -0.03
CA LEU B 269 -30.09 15.78 -1.23
C LEU B 269 -30.99 15.75 -2.46
N ASP B 270 -30.95 16.83 -3.24
CA ASP B 270 -31.80 16.96 -4.42
C ASP B 270 -31.31 16.13 -5.61
N GLU B 271 -30.02 16.22 -5.93
CA GLU B 271 -29.38 15.22 -6.81
C GLU B 271 -27.87 15.10 -6.54
N LEU B 272 -27.31 13.96 -6.95
CA LEU B 272 -25.87 13.70 -6.92
C LEU B 272 -25.39 13.39 -8.33
N VAL B 273 -24.50 14.23 -8.84
CA VAL B 273 -23.97 14.05 -10.19
C VAL B 273 -22.55 13.46 -10.10
N VAL B 274 -22.33 12.37 -10.84
CA VAL B 274 -21.03 11.69 -10.83
C VAL B 274 -20.53 11.47 -12.26
N THR B 275 -19.30 10.99 -12.40
CA THR B 275 -18.79 10.57 -13.71
C THR B 275 -18.90 9.06 -13.79
N ASP B 276 -18.63 8.49 -14.97
CA ASP B 276 -18.67 7.04 -15.15
C ASP B 276 -17.30 6.34 -15.01
N THR B 277 -16.44 6.83 -14.11
CA THR B 277 -15.14 6.19 -13.88
C THR B 277 -15.31 4.85 -13.16
N ILE B 278 -16.38 4.75 -12.37
CA ILE B 278 -16.84 3.50 -11.79
C ILE B 278 -18.26 3.26 -12.30
N PRO B 279 -18.56 2.05 -12.81
CA PRO B 279 -19.94 1.76 -13.24
C PRO B 279 -20.90 1.70 -12.06
N LEU B 280 -22.10 2.26 -12.23
CA LEU B 280 -23.15 2.24 -11.20
C LEU B 280 -23.80 0.85 -11.07
N SER B 281 -24.13 0.48 -9.86
CA SER B 281 -24.82 -0.78 -9.59
C SER B 281 -26.26 -0.78 -10.02
N ALA B 282 -26.95 -1.86 -9.74
CA ALA B 282 -28.37 -1.94 -10.08
C ALA B 282 -29.17 -0.94 -9.24
N GLU B 283 -29.00 -1.03 -7.91
CA GLU B 283 -29.64 -0.15 -6.95
C GLU B 283 -29.24 1.33 -7.09
N SER B 284 -28.06 1.59 -7.67
CA SER B 284 -27.64 2.96 -7.99
C SER B 284 -28.27 3.45 -9.28
N LEU B 285 -28.49 2.54 -10.22
CA LEU B 285 -29.21 2.85 -11.45
C LEU B 285 -30.71 3.04 -11.18
N ALA B 286 -31.19 2.41 -10.10
CA ALA B 286 -32.58 2.53 -9.68
C ALA B 286 -32.85 3.90 -9.03
N CYS B 287 -31.89 4.37 -8.24
CA CYS B 287 -32.00 5.66 -7.55
C CYS B 287 -32.11 6.83 -8.54
N PRO B 288 -33.27 7.54 -8.54
CA PRO B 288 -33.51 8.62 -9.51
C PRO B 288 -32.72 9.91 -9.24
N LYS B 289 -32.06 10.00 -8.08
CA LYS B 289 -31.30 11.19 -7.70
C LYS B 289 -29.84 11.15 -8.18
N ILE B 290 -29.39 10.01 -8.68
CA ILE B 290 -28.00 9.84 -9.10
C ILE B 290 -27.89 9.88 -10.61
N ARG B 291 -27.21 10.90 -11.12
CA ARG B 291 -27.02 11.08 -12.55
C ARG B 291 -25.53 11.00 -12.87
N ALA B 292 -25.18 10.19 -13.86
CA ALA B 292 -23.78 9.93 -14.22
C ALA B 292 -23.45 10.50 -15.58
N LEU B 293 -22.31 11.19 -15.66
CA LEU B 293 -21.86 11.84 -16.88
C LEU B 293 -20.65 11.12 -17.45
N SER B 294 -20.56 11.04 -18.77
CA SER B 294 -19.46 10.31 -19.39
C SER B 294 -18.14 11.08 -19.27
N SER B 295 -17.13 10.36 -18.79
CA SER B 295 -15.75 10.84 -18.76
C SER B 295 -14.98 10.38 -20.00
N ALA B 296 -15.68 9.74 -20.93
CA ALA B 296 -15.10 9.16 -22.13
C ALA B 296 -14.45 10.20 -23.06
N GLY B 297 -15.10 11.34 -23.24
CA GLY B 297 -14.55 12.40 -24.10
C GLY B 297 -13.26 12.94 -23.53
N LEU B 298 -13.24 13.10 -22.21
CA LEU B 298 -12.07 13.59 -21.47
C LEU B 298 -10.87 12.66 -21.55
N LEU B 299 -11.13 11.35 -21.45
CA LEU B 299 -10.08 10.36 -21.55
C LEU B 299 -9.52 10.28 -22.98
N ALA B 300 -10.41 10.28 -23.96
CA ALA B 300 -10.03 10.13 -25.37
C ALA B 300 -9.20 11.30 -25.88
N GLU B 301 -9.59 12.52 -25.52
CA GLU B 301 -8.83 13.73 -25.86
C GLU B 301 -7.46 13.70 -25.20
N THR B 302 -7.42 13.25 -23.94
CA THR B 302 -6.18 13.08 -23.21
C THR B 302 -5.23 12.11 -23.92
N PHE B 303 -5.70 10.91 -24.23
CA PHE B 303 -4.91 9.91 -24.95
C PHE B 303 -4.35 10.53 -26.20
N SER B 304 -5.24 11.20 -26.91
CA SER B 304 -4.98 11.76 -28.23
C SER B 304 -3.90 12.85 -28.17
N ARG B 305 -4.03 13.75 -27.20
CA ARG B 305 -3.02 14.77 -26.93
C ARG B 305 -1.67 14.21 -26.50
N ILE B 306 -1.69 13.16 -25.67
CA ILE B 306 -0.48 12.46 -25.27
C ILE B 306 0.25 11.87 -26.48
N ARG B 307 -0.52 11.30 -27.40
CA ARG B 307 0.00 10.68 -28.62
C ARG B 307 0.68 11.70 -29.53
N ARG B 308 0.14 12.92 -29.61
CA ARG B 308 0.72 13.96 -30.49
C ARG B 308 1.77 14.84 -29.80
N GLY B 309 1.85 14.74 -28.47
CA GLY B 309 2.73 15.58 -27.67
C GLY B 309 2.18 16.96 -27.38
N ASP B 310 0.86 17.12 -27.56
CA ASP B 310 0.16 18.35 -27.22
C ASP B 310 -0.04 18.47 -25.71
N SER B 311 -0.31 19.69 -25.24
CA SER B 311 -0.48 19.98 -23.82
C SER B 311 -1.78 19.41 -23.27
N VAL B 312 -1.67 18.63 -22.20
CA VAL B 312 -2.83 18.04 -21.52
C VAL B 312 -3.40 19.03 -20.50
N MET B 313 -2.50 19.66 -19.73
CA MET B 313 -2.81 20.75 -18.79
C MET B 313 -3.86 21.73 -19.30
N SER B 314 -3.69 22.19 -20.55
CA SER B 314 -4.62 23.08 -21.26
C SER B 314 -6.09 22.84 -20.90
N LEU B 315 -6.48 21.57 -20.94
CA LEU B 315 -7.87 21.17 -20.72
C LEU B 315 -8.43 21.59 -19.35
N PHE B 316 -7.54 21.86 -18.39
CA PHE B 316 -7.94 22.13 -17.00
C PHE B 316 -7.23 23.35 -16.45
N GLY C 7 12.99 -13.51 19.09
CA GLY C 7 12.92 -12.87 17.74
C GLY C 7 11.85 -13.39 16.80
N LEU C 8 11.45 -14.66 16.94
CA LEU C 8 10.49 -15.28 16.01
C LEU C 8 9.03 -14.90 16.22
N MET C 9 8.42 -14.28 15.20
CA MET C 9 6.98 -14.00 15.21
C MET C 9 6.31 -14.59 13.98
N VAL C 10 5.04 -14.99 14.13
CA VAL C 10 4.25 -15.55 13.06
C VAL C 10 2.89 -14.83 13.00
N PHE C 11 2.58 -14.30 11.82
CA PHE C 11 1.30 -13.66 11.53
C PHE C 11 0.59 -14.47 10.45
N THR C 12 -0.73 -14.34 10.35
CA THR C 12 -1.48 -15.02 9.31
C THR C 12 -2.47 -14.07 8.62
N GLY C 13 -2.84 -14.41 7.40
CA GLY C 13 -3.98 -13.78 6.74
C GLY C 13 -5.23 -14.61 7.01
N ASN C 14 -6.27 -14.35 6.22
CA ASN C 14 -7.54 -15.06 6.34
C ASN C 14 -7.60 -16.37 5.54
N ALA C 15 -6.57 -16.66 4.74
CA ALA C 15 -6.55 -17.89 3.94
C ALA C 15 -6.55 -19.19 4.77
N ASN C 16 -5.77 -19.21 5.85
CA ASN C 16 -5.50 -20.42 6.62
C ASN C 16 -5.27 -20.14 8.12
N PRO C 17 -6.19 -19.41 8.77
CA PRO C 17 -5.86 -18.98 10.12
C PRO C 17 -5.78 -20.13 11.15
N ALA C 18 -6.55 -21.19 10.95
CA ALA C 18 -6.52 -22.37 11.83
C ALA C 18 -5.19 -23.09 11.75
N LEU C 19 -4.69 -23.28 10.53
CA LEU C 19 -3.39 -23.87 10.31
C LEU C 19 -2.26 -23.08 11.01
N ALA C 20 -2.32 -21.74 10.97
CA ALA C 20 -1.33 -20.91 11.65
C ALA C 20 -1.35 -21.10 13.17
N GLN C 21 -2.54 -21.32 13.74
CA GLN C 21 -2.67 -21.56 15.19
C GLN C 21 -2.03 -22.88 15.62
N GLU C 22 -2.12 -23.88 14.75
CA GLU C 22 -1.47 -25.17 14.97
C GLU C 22 0.06 -25.04 14.85
N VAL C 23 0.52 -24.23 13.90
CA VAL C 23 1.96 -24.02 13.71
C VAL C 23 2.60 -23.38 14.94
N VAL C 24 2.00 -22.30 15.45
CA VAL C 24 2.53 -21.59 16.63
C VAL C 24 2.42 -22.40 17.92
N LYS C 25 1.36 -23.21 18.02
CA LYS C 25 1.18 -24.16 19.12
C LYS C 25 2.42 -25.04 19.27
N ILE C 26 2.79 -25.70 18.17
CA ILE C 26 4.01 -26.51 18.09
C ILE C 26 5.27 -25.70 18.38
N LEU C 27 5.34 -24.48 17.86
CA LEU C 27 6.51 -23.62 18.08
C LEU C 27 6.61 -23.08 19.51
N GLY C 28 5.51 -23.14 20.26
CA GLY C 28 5.48 -22.64 21.64
C GLY C 28 5.43 -21.12 21.76
N ILE C 29 4.89 -20.46 20.73
CA ILE C 29 4.72 -19.00 20.71
C ILE C 29 3.25 -18.65 20.44
N PRO C 30 2.82 -17.41 20.80
CA PRO C 30 1.47 -16.97 20.42
C PRO C 30 1.41 -16.52 18.96
N LEU C 31 0.20 -16.47 18.40
CA LEU C 31 0.02 -15.92 17.07
C LEU C 31 0.10 -14.41 17.19
N GLY C 32 0.91 -13.78 16.34
CA GLY C 32 1.00 -12.31 16.28
C GLY C 32 -0.36 -11.69 15.99
N LYS C 33 -0.68 -10.61 16.70
CA LYS C 33 -1.98 -9.94 16.49
C LYS C 33 -2.01 -8.88 15.39
N ALA C 34 -2.98 -9.03 14.50
CA ALA C 34 -3.17 -8.13 13.37
C ALA C 34 -4.64 -8.14 13.00
N MET C 35 -5.18 -6.97 12.63
CA MET C 35 -6.47 -6.91 11.99
C MET C 35 -6.18 -7.11 10.50
N VAL C 36 -6.78 -8.13 9.90
CA VAL C 36 -6.75 -8.36 8.45
C VAL C 36 -8.18 -8.46 7.96
N SER C 37 -8.65 -7.43 7.30
CA SER C 37 -10.07 -7.23 7.08
C SER C 37 -10.36 -6.48 5.83
N ARG C 38 -11.49 -5.81 5.79
CA ARG C 38 -11.91 -5.04 4.63
C ARG C 38 -12.55 -3.74 5.08
N PHE C 39 -12.42 -2.71 4.26
CA PHE C 39 -13.25 -1.53 4.38
C PHE C 39 -14.61 -1.83 3.76
N SER C 40 -15.55 -0.89 3.93
CA SER C 40 -16.90 -1.04 3.38
C SER C 40 -16.86 -1.29 1.86
N ASP C 41 -15.95 -0.59 1.17
CA ASP C 41 -15.83 -0.74 -0.29
C ASP C 41 -15.14 -2.03 -0.76
N GLY C 42 -14.59 -2.80 0.18
CA GLY C 42 -13.94 -4.08 -0.15
C GLY C 42 -12.43 -4.02 -0.33
N GLU C 43 -11.84 -2.84 -0.11
CA GLU C 43 -10.39 -2.72 -0.10
C GLU C 43 -9.89 -3.32 1.20
N ILE C 44 -8.66 -3.85 1.16
CA ILE C 44 -8.08 -4.57 2.30
C ILE C 44 -7.61 -3.62 3.40
N GLN C 45 -8.02 -3.94 4.62
CA GLN C 45 -7.67 -3.17 5.81
C GLN C 45 -6.77 -4.04 6.68
N VAL C 46 -5.57 -3.57 6.92
CA VAL C 46 -4.60 -4.30 7.72
C VAL C 46 -4.02 -3.38 8.79
N GLU C 47 -3.89 -3.93 9.98
CA GLU C 47 -3.18 -3.25 11.06
C GLU C 47 -2.45 -4.26 11.91
N ILE C 48 -1.14 -4.07 12.05
CA ILE C 48 -0.35 -4.93 12.91
C ILE C 48 -0.51 -4.37 14.32
N GLN C 49 -1.04 -5.20 15.21
CA GLN C 49 -1.48 -4.72 16.50
C GLN C 49 -0.52 -5.01 17.64
N GLU C 50 0.73 -5.26 17.28
CA GLU C 50 1.82 -5.27 18.26
C GLU C 50 3.15 -4.88 17.64
N ASN C 51 4.10 -4.54 18.51
CA ASN C 51 5.46 -4.17 18.17
C ASN C 51 6.22 -5.34 17.51
N VAL C 52 6.70 -5.11 16.28
CA VAL C 52 7.47 -6.11 15.53
C VAL C 52 8.92 -5.66 15.30
N ARG C 53 9.29 -4.56 15.93
CA ARG C 53 10.57 -3.88 15.70
C ARG C 53 11.80 -4.79 15.86
N GLY C 54 12.49 -5.04 14.75
CA GLY C 54 13.68 -5.89 14.77
C GLY C 54 13.44 -7.40 14.82
N LYS C 55 12.18 -7.82 14.77
CA LYS C 55 11.86 -9.26 14.89
C LYS C 55 12.03 -10.03 13.59
N ASP C 56 12.17 -11.34 13.74
CA ASP C 56 12.23 -12.28 12.65
C ASP C 56 10.79 -12.73 12.39
N VAL C 57 10.20 -12.25 11.29
CA VAL C 57 8.77 -12.38 11.08
C VAL C 57 8.42 -13.31 9.93
N PHE C 58 7.54 -14.27 10.21
CA PHE C 58 7.00 -15.20 9.21
C PHE C 58 5.53 -14.89 8.99
N VAL C 59 5.11 -14.81 7.72
CA VAL C 59 3.70 -14.61 7.39
C VAL C 59 3.14 -15.84 6.69
N LEU C 60 2.23 -16.54 7.36
CA LEU C 60 1.62 -17.75 6.79
C LEU C 60 0.34 -17.40 6.02
N GLN C 61 0.41 -17.50 4.70
CA GLN C 61 -0.70 -17.22 3.86
C GLN C 61 -0.57 -17.92 2.55
N SER C 62 -1.32 -18.98 2.36
CA SER C 62 -1.47 -19.60 1.08
C SER C 62 -2.24 -18.68 0.20
N THR C 63 -1.93 -18.69 -1.07
CA THR C 63 -2.67 -17.89 -2.02
C THR C 63 -3.66 -18.71 -2.79
N CYS C 64 -4.53 -19.37 -2.06
CA CYS C 64 -5.62 -20.10 -2.62
C CYS C 64 -6.80 -19.16 -2.84
N ALA C 65 -7.88 -19.64 -3.43
CA ALA C 65 -9.14 -18.89 -3.57
C ALA C 65 -9.66 -18.30 -2.25
N PRO C 66 -10.08 -17.01 -2.27
CA PRO C 66 -9.97 -16.07 -3.42
C PRO C 66 -8.53 -15.57 -3.64
N THR C 67 -7.96 -15.94 -4.78
CA THR C 67 -6.50 -15.85 -5.02
C THR C 67 -5.96 -14.44 -4.89
N ASN C 68 -6.56 -13.50 -5.62
CA ASN C 68 -6.11 -12.11 -5.69
C ASN C 68 -6.26 -11.39 -4.36
N ASP C 69 -7.38 -11.62 -3.67
CA ASP C 69 -7.60 -11.13 -2.31
C ASP C 69 -6.54 -11.63 -1.33
N ASN C 70 -6.33 -12.94 -1.26
CA ASN C 70 -5.26 -13.54 -0.45
C ASN C 70 -3.85 -13.05 -0.78
N LEU C 71 -3.58 -12.83 -2.06
CA LEU C 71 -2.28 -12.27 -2.46
C LEU C 71 -2.11 -10.82 -1.99
N MET C 72 -3.16 -10.02 -2.13
CA MET C 72 -3.09 -8.62 -1.71
C MET C 72 -3.09 -8.49 -0.20
N GLU C 73 -3.78 -9.38 0.51
CA GLU C 73 -3.66 -9.44 1.97
C GLU C 73 -2.19 -9.61 2.33
N LEU C 74 -1.56 -10.63 1.72
CA LEU C 74 -0.14 -10.87 1.89
C LEU C 74 0.75 -9.66 1.56
N MET C 75 0.56 -9.09 0.37
CA MET C 75 1.29 -7.89 -0.05
C MET C 75 1.22 -6.75 0.95
N ILE C 76 0.02 -6.50 1.46
CA ILE C 76 -0.26 -5.36 2.32
C ILE C 76 0.30 -5.60 3.74
N MET C 77 0.09 -6.81 4.27
CA MET C 77 0.69 -7.22 5.54
C MET C 77 2.21 -7.06 5.54
N VAL C 78 2.84 -7.49 4.44
CA VAL C 78 4.30 -7.37 4.28
C VAL C 78 4.75 -5.91 4.36
N ASP C 79 4.07 -5.02 3.64
CA ASP C 79 4.38 -3.60 3.68
C ASP C 79 4.22 -2.96 5.07
N ALA C 80 3.15 -3.32 5.78
CA ALA C 80 2.92 -2.84 7.14
C ALA C 80 4.03 -3.30 8.09
N LEU C 81 4.44 -4.56 7.95
CA LEU C 81 5.52 -5.12 8.76
C LEU C 81 6.86 -4.46 8.45
N LYS C 82 7.11 -4.20 7.16
CA LYS C 82 8.32 -3.54 6.69
C LYS C 82 8.38 -2.12 7.26
N ARG C 83 7.28 -1.39 7.15
CA ARG C 83 7.22 -0.01 7.60
C ARG C 83 7.21 0.09 9.13
N ALA C 84 6.82 -0.99 9.80
CA ALA C 84 6.95 -1.08 11.26
C ALA C 84 8.30 -1.65 11.69
N SER C 85 9.24 -1.68 10.76
CA SER C 85 10.65 -2.02 11.04
C SER C 85 10.85 -3.45 11.56
N ALA C 86 10.13 -4.42 11.00
CA ALA C 86 10.46 -5.82 11.28
C ALA C 86 11.90 -6.08 10.85
N GLY C 87 12.63 -6.90 11.61
CA GLY C 87 14.01 -7.23 11.27
C GLY C 87 14.15 -8.00 9.96
N ARG C 88 13.21 -8.90 9.69
CA ARG C 88 13.29 -9.81 8.55
C ARG C 88 11.89 -10.34 8.25
N ILE C 89 11.55 -10.43 6.97
CA ILE C 89 10.21 -10.90 6.57
C ILE C 89 10.26 -12.12 5.65
N THR C 90 9.59 -13.18 6.09
CA THR C 90 9.49 -14.41 5.34
C THR C 90 8.03 -14.66 4.97
N ALA C 91 7.78 -15.00 3.72
CA ALA C 91 6.44 -15.36 3.29
C ALA C 91 6.33 -16.88 3.19
N ALA C 92 5.57 -17.46 4.10
CA ALA C 92 5.29 -18.90 4.04
C ALA C 92 3.97 -19.10 3.28
N ILE C 93 4.09 -19.57 2.05
CA ILE C 93 2.97 -19.71 1.13
C ILE C 93 2.83 -21.20 0.75
N PRO C 94 2.25 -22.03 1.65
CA PRO C 94 2.19 -23.48 1.38
C PRO C 94 1.62 -23.87 0.00
N TYR C 95 0.45 -23.35 -0.37
CA TYR C 95 -0.01 -23.49 -1.75
C TYR C 95 0.23 -22.17 -2.50
N PHE C 96 0.98 -22.24 -3.60
CA PHE C 96 1.36 -21.05 -4.37
C PHE C 96 0.37 -20.81 -5.51
N GLY C 97 -0.52 -19.83 -5.34
CA GLY C 97 -1.45 -19.42 -6.39
C GLY C 97 -0.69 -18.94 -7.61
N TYR C 98 -1.22 -19.28 -8.78
CA TYR C 98 -0.66 -18.91 -10.08
C TYR C 98 0.54 -19.74 -10.53
N ALA C 99 0.92 -20.73 -9.74
CA ALA C 99 2.04 -21.62 -10.08
C ALA C 99 1.86 -22.32 -11.42
N ARG C 100 0.62 -22.64 -11.78
CA ARG C 100 0.34 -23.32 -13.03
C ARG C 100 0.53 -22.43 -14.24
N GLN C 101 0.71 -21.13 -14.01
CA GLN C 101 0.98 -20.20 -15.08
C GLN C 101 2.46 -19.80 -15.03
N ASP C 102 3.30 -20.75 -15.44
CA ASP C 102 4.76 -20.67 -15.31
C ASP C 102 5.49 -20.55 -16.66
N ARG C 103 4.72 -20.45 -17.75
CA ARG C 103 5.27 -20.38 -19.11
C ARG C 103 4.26 -19.79 -20.09
N ARG C 104 4.70 -19.54 -21.32
CA ARG C 104 3.86 -19.11 -22.43
C ARG C 104 3.85 -20.22 -23.46
N PRO C 105 2.86 -21.14 -23.40
CA PRO C 105 2.91 -22.32 -24.26
C PRO C 105 2.82 -21.95 -25.73
N ARG C 106 3.73 -22.48 -26.53
CA ARG C 106 3.76 -22.24 -27.98
C ARG C 106 3.73 -20.74 -28.27
N SER C 107 4.46 -19.98 -27.47
CA SER C 107 4.54 -18.52 -27.57
C SER C 107 3.18 -17.83 -27.64
N ALA C 108 2.17 -18.42 -26.98
CA ALA C 108 0.85 -17.78 -26.85
C ALA C 108 1.02 -16.45 -26.14
N ARG C 109 0.20 -15.45 -26.51
CA ARG C 109 0.27 -14.16 -25.85
C ARG C 109 -0.40 -14.18 -24.48
N VAL C 110 0.19 -14.93 -23.57
CA VAL C 110 -0.24 -14.99 -22.17
C VAL C 110 0.83 -14.41 -21.22
N ALA C 111 0.45 -14.22 -19.97
CA ALA C 111 1.39 -13.75 -18.96
C ALA C 111 2.04 -14.96 -18.29
N ILE C 112 3.23 -14.75 -17.72
CA ILE C 112 3.82 -15.73 -16.82
C ILE C 112 3.50 -15.22 -15.44
N SER C 113 2.29 -15.57 -15.00
CA SER C 113 1.70 -15.01 -13.79
C SER C 113 2.49 -15.39 -12.52
N ALA C 114 3.07 -16.58 -12.51
CA ALA C 114 3.87 -17.01 -11.36
C ALA C 114 5.07 -16.07 -11.17
N LYS C 115 5.52 -15.50 -12.28
CA LYS C 115 6.64 -14.57 -12.30
C LYS C 115 6.23 -13.17 -11.84
N VAL C 116 5.03 -12.75 -12.23
CA VAL C 116 4.48 -11.48 -11.77
C VAL C 116 4.36 -11.50 -10.25
N VAL C 117 3.85 -12.61 -9.73
CA VAL C 117 3.67 -12.81 -8.30
C VAL C 117 5.02 -12.82 -7.60
N ALA C 118 5.99 -13.55 -8.14
CA ALA C 118 7.35 -13.54 -7.61
C ALA C 118 7.87 -12.09 -7.47
N ASN C 119 7.81 -11.33 -8.57
CA ASN C 119 8.21 -9.94 -8.59
C ASN C 119 7.44 -9.08 -7.61
N MET C 120 6.14 -9.36 -7.46
CA MET C 120 5.27 -8.62 -6.54
C MET C 120 5.74 -8.77 -5.10
N LEU C 121 5.97 -10.01 -4.70
CA LEU C 121 6.40 -10.31 -3.34
C LEU C 121 7.75 -9.69 -3.05
N GLU C 122 8.64 -9.69 -4.04
CA GLU C 122 9.98 -9.16 -3.85
C GLU C 122 9.95 -7.64 -3.67
N ILE C 123 9.09 -6.96 -4.45
CA ILE C 123 9.00 -5.50 -4.35
C ILE C 123 8.23 -5.03 -3.10
N ALA C 124 7.44 -5.92 -2.51
CA ALA C 124 6.78 -5.62 -1.23
C ALA C 124 7.74 -5.68 -0.07
N GLY C 125 8.82 -6.46 -0.25
CA GLY C 125 9.88 -6.52 0.73
C GLY C 125 10.03 -7.86 1.40
N VAL C 126 9.40 -8.89 0.82
CA VAL C 126 9.57 -10.29 1.21
C VAL C 126 11.03 -10.71 0.98
N GLU C 127 11.66 -11.28 2.01
CA GLU C 127 13.09 -11.61 1.92
C GLU C 127 13.38 -13.07 1.57
N ARG C 128 12.41 -13.94 1.80
CA ARG C 128 12.55 -15.34 1.43
C ARG C 128 11.22 -16.02 1.42
N ILE C 129 11.14 -17.11 0.67
CA ILE C 129 9.89 -17.83 0.44
C ILE C 129 10.01 -19.22 1.05
N ILE C 130 8.93 -19.64 1.70
CA ILE C 130 8.68 -21.06 2.01
C ILE C 130 7.43 -21.45 1.24
N THR C 131 7.50 -22.54 0.48
CA THR C 131 6.32 -23.11 -0.20
C THR C 131 6.27 -24.64 -0.07
N MET C 132 5.14 -25.24 -0.42
CA MET C 132 4.97 -26.69 -0.31
C MET C 132 4.58 -27.32 -1.64
N ASP C 133 5.31 -28.35 -2.02
CA ASP C 133 5.09 -29.10 -3.27
C ASP C 133 4.82 -28.19 -4.45
N LEU C 134 5.71 -27.22 -4.63
CA LEU C 134 5.68 -26.27 -5.72
C LEU C 134 5.51 -26.99 -7.06
N HIS C 135 4.57 -26.49 -7.88
CA HIS C 135 4.07 -27.18 -9.09
C HIS C 135 5.17 -27.50 -10.10
N ALA C 136 6.13 -26.59 -10.22
CA ALA C 136 7.25 -26.76 -11.11
C ALA C 136 8.50 -26.21 -10.45
N ASP C 137 9.57 -27.00 -10.47
CA ASP C 137 10.84 -26.64 -9.84
C ASP C 137 11.42 -25.34 -10.39
N GLN C 138 11.14 -25.07 -11.67
CA GLN C 138 11.67 -23.91 -12.38
C GLN C 138 11.17 -22.56 -11.87
N ILE C 139 10.10 -22.59 -11.06
CA ILE C 139 9.52 -21.38 -10.45
C ILE C 139 10.50 -20.78 -9.43
N GLN C 140 11.42 -21.60 -8.95
CA GLN C 140 12.45 -21.12 -8.03
C GLN C 140 13.30 -20.04 -8.66
N GLY C 141 13.61 -20.21 -9.95
CA GLY C 141 14.35 -19.21 -10.72
C GLY C 141 13.59 -17.94 -11.08
N PHE C 142 12.31 -17.85 -10.71
CA PHE C 142 11.53 -16.61 -10.88
C PHE C 142 11.86 -15.63 -9.76
N PHE C 143 12.45 -16.15 -8.70
CA PHE C 143 12.86 -15.38 -7.53
C PHE C 143 14.38 -15.16 -7.53
N ASP C 144 14.78 -14.00 -7.01
CA ASP C 144 16.19 -13.68 -6.77
C ASP C 144 16.46 -13.71 -5.26
N ILE C 145 15.46 -14.16 -4.51
CA ILE C 145 15.57 -14.35 -3.07
C ILE C 145 15.47 -15.86 -2.82
N PRO C 146 15.94 -16.33 -1.63
CA PRO C 146 15.88 -17.77 -1.27
C PRO C 146 14.48 -18.36 -1.26
N VAL C 147 14.35 -19.55 -1.82
CA VAL C 147 13.09 -20.28 -1.87
C VAL C 147 13.25 -21.66 -1.23
N ASP C 148 12.44 -21.95 -0.23
CA ASP C 148 12.44 -23.28 0.35
C ASP C 148 11.15 -24.02 0.03
N ASN C 149 11.30 -25.07 -0.78
CA ASN C 149 10.20 -25.90 -1.21
C ASN C 149 10.21 -27.17 -0.38
N ILE C 150 9.14 -27.36 0.39
CA ILE C 150 9.05 -28.53 1.23
C ILE C 150 8.07 -29.54 0.65
N TYR C 151 8.38 -30.82 0.85
CA TYR C 151 7.57 -31.92 0.32
C TYR C 151 6.61 -32.48 1.38
N ALA C 152 5.34 -32.62 1.02
CA ALA C 152 4.38 -33.20 1.96
C ALA C 152 4.29 -34.72 1.81
N THR C 153 5.16 -35.26 0.96
CA THR C 153 5.21 -36.70 0.67
C THR C 153 5.30 -37.58 1.93
N PRO C 154 6.17 -37.23 2.91
CA PRO C 154 6.14 -37.94 4.20
C PRO C 154 4.77 -38.03 4.87
N ILE C 155 4.02 -36.93 4.90
CA ILE C 155 2.67 -36.94 5.48
C ILE C 155 1.76 -37.93 4.74
N LEU C 156 1.79 -37.88 3.40
CA LEU C 156 0.92 -38.68 2.56
C LEU C 156 1.30 -40.16 2.58
N LEU C 157 2.60 -40.44 2.49
CA LEU C 157 3.13 -41.80 2.59
C LEU C 157 2.94 -42.37 3.99
N GLY C 158 3.03 -41.50 4.99
CA GLY C 158 2.72 -41.84 6.37
C GLY C 158 1.34 -42.44 6.49
N ASP C 159 0.34 -41.76 5.93
CA ASP C 159 -1.02 -42.26 5.99
C ASP C 159 -1.24 -43.52 5.14
N LEU C 160 -0.72 -43.50 3.91
CA LEU C 160 -0.86 -44.63 2.99
C LEU C 160 -0.34 -45.92 3.60
N ARG C 161 0.73 -45.81 4.38
CA ARG C 161 1.34 -46.96 5.06
C ARG C 161 0.47 -47.47 6.20
N LYS C 162 -0.10 -46.55 6.98
CA LYS C 162 -1.02 -46.91 8.06
C LYS C 162 -2.19 -47.75 7.53
N GLN C 163 -2.64 -47.43 6.32
CA GLN C 163 -3.80 -48.10 5.71
C GLN C 163 -3.52 -49.53 5.29
N ASN C 164 -2.23 -49.86 5.14
CA ASN C 164 -1.77 -51.20 4.75
C ASN C 164 -2.59 -51.86 3.64
N TYR C 165 -2.59 -51.24 2.48
CA TYR C 165 -3.31 -51.75 1.31
C TYR C 165 -2.55 -52.88 0.62
N PRO C 166 -3.24 -54.01 0.37
CA PRO C 166 -2.78 -54.97 -0.61
C PRO C 166 -3.54 -54.72 -1.93
N ASP C 167 -3.01 -55.11 -3.07
CA ASP C 167 -1.61 -55.45 -3.28
C ASP C 167 -1.10 -54.19 -3.96
N LEU C 168 -0.64 -53.24 -3.14
CA LEU C 168 -0.45 -51.85 -3.55
C LEU C 168 0.20 -51.67 -4.92
N LEU C 169 -0.38 -50.77 -5.72
CA LEU C 169 0.20 -50.37 -6.99
C LEU C 169 0.07 -48.86 -7.23
N VAL C 170 1.19 -48.22 -7.56
CA VAL C 170 1.21 -46.80 -7.89
C VAL C 170 0.82 -46.62 -9.36
N VAL C 171 -0.09 -45.68 -9.60
CA VAL C 171 -0.52 -45.37 -10.97
C VAL C 171 -0.18 -43.93 -11.32
N SER C 172 0.47 -43.76 -12.46
CA SER C 172 0.67 -42.44 -13.07
C SER C 172 -0.52 -42.16 -13.98
N PRO C 173 -1.27 -41.08 -13.69
CA PRO C 173 -2.46 -40.75 -14.50
C PRO C 173 -2.10 -40.35 -15.94
N ASP C 174 -1.02 -39.59 -16.11
CA ASP C 174 -0.51 -39.27 -17.44
C ASP C 174 1.01 -39.45 -17.57
N VAL C 175 1.45 -39.48 -18.82
CA VAL C 175 2.86 -39.65 -19.18
C VAL C 175 3.74 -38.44 -18.84
N GLY C 176 3.29 -37.63 -17.90
CA GLY C 176 4.12 -36.55 -17.37
C GLY C 176 4.96 -37.14 -16.26
N GLY C 177 4.38 -37.19 -15.07
CA GLY C 177 5.06 -37.71 -13.88
C GLY C 177 5.19 -39.21 -13.83
N VAL C 178 5.72 -39.82 -14.90
CA VAL C 178 6.16 -41.21 -14.86
C VAL C 178 7.47 -41.27 -14.08
N VAL C 179 8.30 -40.25 -14.27
CA VAL C 179 9.52 -40.04 -13.49
C VAL C 179 9.24 -40.13 -11.99
N ARG C 180 8.24 -39.39 -11.53
CA ARG C 180 7.97 -39.31 -10.13
C ARG C 180 7.16 -40.48 -9.68
N ALA C 181 6.43 -41.09 -10.59
CA ALA C 181 5.65 -42.23 -10.20
C ALA C 181 6.52 -43.46 -9.99
N ARG C 182 7.61 -43.56 -10.73
CA ARG C 182 8.50 -44.70 -10.57
C ARG C 182 9.21 -44.52 -9.27
N ALA C 183 9.55 -43.29 -8.98
CA ALA C 183 10.27 -42.92 -7.74
C ALA C 183 9.47 -43.30 -6.49
N LEU C 184 8.16 -43.06 -6.55
CA LEU C 184 7.24 -43.42 -5.47
C LEU C 184 7.09 -44.94 -5.34
N ALA C 185 7.04 -45.62 -6.49
CA ALA C 185 6.84 -47.08 -6.52
C ALA C 185 8.08 -47.80 -6.00
N LYS C 186 9.25 -47.27 -6.34
CA LYS C 186 10.53 -47.74 -5.83
C LYS C 186 10.59 -47.59 -4.30
N GLN C 187 10.02 -46.51 -3.80
CA GLN C 187 10.03 -46.14 -2.38
C GLN C 187 9.11 -46.95 -1.52
N LEU C 188 7.98 -47.32 -2.08
CA LEU C 188 7.14 -48.34 -1.54
C LEU C 188 7.52 -49.27 -2.61
N ASN C 189 7.97 -50.47 -2.31
CA ASN C 189 8.43 -51.21 -3.45
C ASN C 189 7.32 -52.02 -4.01
N CYS C 190 6.58 -51.39 -4.89
CA CYS C 190 5.46 -52.03 -5.48
C CYS C 190 5.55 -51.81 -6.94
N ASP C 191 4.51 -52.23 -7.62
CA ASP C 191 4.44 -52.13 -9.07
C ASP C 191 4.06 -50.73 -9.54
N LEU C 192 4.29 -50.46 -10.82
CA LEU C 192 3.90 -49.20 -11.45
C LEU C 192 2.98 -49.50 -12.62
N ALA C 193 1.98 -48.63 -12.80
CA ALA C 193 1.11 -48.65 -13.98
C ALA C 193 0.98 -47.25 -14.53
N ILE C 194 0.85 -47.13 -15.85
CA ILE C 194 0.74 -45.81 -16.48
C ILE C 194 -0.51 -45.72 -17.37
N ILE C 195 -1.23 -44.61 -17.25
CA ILE C 195 -2.42 -44.32 -18.04
C ILE C 195 -2.11 -43.21 -19.06
N ASP C 196 -2.52 -43.39 -20.30
CA ASP C 196 -2.35 -42.39 -21.36
C ASP C 196 -3.37 -42.58 -22.48
N LYS C 197 -3.57 -41.53 -23.30
CA LYS C 197 -4.49 -41.60 -24.43
C LYS C 197 -3.85 -41.28 -25.78
N ARG C 198 -3.96 -42.22 -26.70
CA ARG C 198 -3.53 -42.03 -28.08
C ARG C 198 -4.75 -42.15 -28.98
N ARG C 199 -5.07 -41.07 -29.66
CA ARG C 199 -6.27 -41.05 -30.49
C ARG C 199 -6.03 -41.70 -31.85
N VAL C 207 -9.54 -41.76 -22.19
CA VAL C 207 -8.14 -42.14 -22.02
C VAL C 207 -7.96 -43.65 -22.21
N MET C 208 -7.33 -44.04 -23.30
CA MET C 208 -7.42 -45.41 -23.74
C MET C 208 -6.37 -46.38 -23.22
N ASN C 209 -5.10 -46.08 -23.39
CA ASN C 209 -4.10 -47.08 -23.08
C ASN C 209 -3.56 -47.16 -21.64
N ILE C 210 -3.47 -48.38 -21.14
CA ILE C 210 -2.89 -48.67 -19.83
C ILE C 210 -1.85 -49.76 -19.99
N ILE C 211 -0.64 -49.48 -19.55
CA ILE C 211 0.35 -50.51 -19.62
C ILE C 211 0.76 -50.97 -18.26
N GLY C 212 0.63 -52.26 -18.04
CA GLY C 212 0.72 -52.90 -16.73
C GLY C 212 -0.67 -53.36 -16.35
N GLU C 213 -0.80 -54.56 -15.82
CA GLU C 213 -2.11 -55.04 -15.50
C GLU C 213 -2.55 -54.57 -14.15
N VAL C 214 -3.79 -54.13 -14.13
CA VAL C 214 -4.38 -53.40 -13.02
C VAL C 214 -5.38 -54.29 -12.28
N GLU C 215 -5.55 -55.50 -12.80
CA GLU C 215 -6.68 -56.38 -12.43
C GLU C 215 -6.92 -56.57 -10.94
N GLY C 216 -6.00 -57.22 -10.22
CA GLY C 216 -6.22 -57.51 -8.79
C GLY C 216 -5.73 -56.43 -7.84
N ARG C 217 -5.38 -55.28 -8.41
CA ARG C 217 -4.59 -54.27 -7.70
C ARG C 217 -5.43 -53.24 -6.94
N THR C 218 -4.91 -52.81 -5.78
CA THR C 218 -5.33 -51.56 -5.17
C THR C 218 -4.41 -50.48 -5.76
N CYS C 219 -4.99 -49.57 -6.52
CA CYS C 219 -4.25 -48.52 -7.20
C CYS C 219 -4.18 -47.26 -6.34
N VAL C 220 -3.00 -46.63 -6.35
CA VAL C 220 -2.79 -45.35 -5.68
C VAL C 220 -2.25 -44.30 -6.65
N ILE C 221 -2.85 -43.11 -6.59
CA ILE C 221 -2.40 -41.96 -7.37
C ILE C 221 -1.94 -40.84 -6.43
N MET C 222 -0.77 -40.26 -6.70
CA MET C 222 -0.27 -39.15 -5.88
C MET C 222 0.06 -37.91 -6.73
N ASP C 223 -0.36 -36.74 -6.22
CA ASP C 223 -0.24 -35.45 -6.91
C ASP C 223 0.07 -34.30 -5.96
N ASP C 224 0.52 -33.20 -6.56
CA ASP C 224 0.72 -31.92 -5.86
C ASP C 224 -0.62 -31.30 -5.47
N MET C 225 -1.62 -31.42 -6.34
CA MET C 225 -2.92 -30.78 -6.13
C MET C 225 -4.07 -31.53 -6.82
N VAL C 226 -5.28 -31.31 -6.36
CA VAL C 226 -6.48 -31.71 -7.04
C VAL C 226 -7.36 -30.48 -7.19
N ASP C 227 -7.80 -30.18 -8.40
CA ASP C 227 -8.57 -29.00 -8.69
C ASP C 227 -10.05 -29.32 -8.91
N THR C 228 -10.45 -29.60 -10.15
CA THR C 228 -11.81 -30.04 -10.45
C THR C 228 -12.01 -31.48 -10.08
N ALA C 229 -10.91 -32.19 -9.95
CA ALA C 229 -10.90 -33.64 -9.76
C ALA C 229 -11.24 -34.41 -11.05
N GLY C 230 -11.22 -33.71 -12.18
CA GLY C 230 -11.60 -34.30 -13.47
C GLY C 230 -10.70 -35.43 -13.93
N THR C 231 -9.40 -35.27 -13.67
CA THR C 231 -8.39 -36.25 -14.06
C THR C 231 -8.43 -37.44 -13.12
N LEU C 232 -8.45 -37.17 -11.82
CA LEU C 232 -8.55 -38.21 -10.80
C LEU C 232 -9.73 -39.13 -11.06
N CYS C 233 -10.90 -38.54 -11.31
CA CYS C 233 -12.15 -39.28 -11.50
C CYS C 233 -12.22 -40.04 -12.82
N LYS C 234 -11.60 -39.49 -13.85
CA LYS C 234 -11.53 -40.17 -15.14
C LYS C 234 -10.59 -41.36 -15.05
N ALA C 235 -9.42 -41.15 -14.44
CA ALA C 235 -8.46 -42.22 -14.18
C ALA C 235 -9.05 -43.36 -13.36
N ALA C 236 -9.80 -43.01 -12.31
CA ALA C 236 -10.39 -44.00 -11.42
C ALA C 236 -11.37 -44.94 -12.12
N GLN C 237 -12.17 -44.40 -13.00
CA GLN C 237 -13.09 -45.20 -13.77
C GLN C 237 -12.37 -46.17 -14.65
N VAL C 238 -11.42 -45.64 -15.41
CA VAL C 238 -10.59 -46.44 -16.31
C VAL C 238 -9.93 -47.63 -15.59
N LEU C 239 -9.60 -47.45 -14.32
CA LEU C 239 -8.97 -48.53 -13.55
C LEU C 239 -9.98 -49.60 -13.12
N LYS C 240 -11.14 -49.18 -12.62
CA LYS C 240 -12.24 -50.10 -12.31
C LYS C 240 -12.76 -50.82 -13.56
N GLU C 241 -12.68 -50.15 -14.71
CA GLU C 241 -13.01 -50.76 -16.00
C GLU C 241 -11.99 -51.82 -16.44
N ARG C 242 -10.75 -51.68 -15.97
CA ARG C 242 -9.74 -52.72 -16.17
C ARG C 242 -9.60 -53.63 -14.94
N GLY C 243 -10.66 -53.71 -14.15
CA GLY C 243 -10.73 -54.68 -13.05
C GLY C 243 -10.19 -54.30 -11.67
N ALA C 244 -9.55 -53.12 -11.56
CA ALA C 244 -8.97 -52.66 -10.28
C ALA C 244 -9.92 -52.86 -9.10
N LYS C 245 -9.38 -53.30 -7.98
CA LYS C 245 -10.18 -53.52 -6.77
C LYS C 245 -10.59 -52.18 -6.15
N GLN C 246 -9.60 -51.33 -5.92
CA GLN C 246 -9.81 -50.00 -5.35
C GLN C 246 -8.93 -48.98 -6.05
N VAL C 247 -9.31 -47.71 -5.94
CA VAL C 247 -8.49 -46.60 -6.42
C VAL C 247 -8.47 -45.52 -5.35
N PHE C 248 -7.28 -45.12 -4.94
CA PHE C 248 -7.11 -44.09 -3.92
C PHE C 248 -6.25 -42.93 -4.42
N ALA C 249 -6.64 -41.72 -4.04
CA ALA C 249 -5.96 -40.51 -4.48
C ALA C 249 -5.43 -39.74 -3.29
N TYR C 250 -4.14 -39.46 -3.35
CA TYR C 250 -3.41 -38.61 -2.42
C TYR C 250 -2.97 -37.37 -3.18
N ALA C 251 -3.20 -36.19 -2.58
CA ALA C 251 -2.80 -34.92 -3.18
C ALA C 251 -2.51 -33.95 -2.06
N THR C 252 -1.50 -33.11 -2.23
CA THR C 252 -1.12 -32.16 -1.18
C THR C 252 -2.15 -31.02 -1.04
N HIS C 253 -2.50 -30.38 -2.14
CA HIS C 253 -3.28 -29.15 -2.11
C HIS C 253 -4.68 -29.38 -2.62
N PRO C 254 -5.67 -29.33 -1.71
CA PRO C 254 -7.06 -29.53 -2.09
C PRO C 254 -7.71 -28.22 -2.56
N VAL C 255 -7.52 -27.88 -3.83
CA VAL C 255 -8.09 -26.67 -4.43
C VAL C 255 -9.61 -26.86 -4.54
N LEU C 256 -10.02 -27.94 -5.20
CA LEU C 256 -11.40 -28.43 -5.18
C LEU C 256 -12.45 -27.40 -5.60
N SER C 257 -12.27 -26.82 -6.78
CA SER C 257 -13.27 -25.92 -7.36
C SER C 257 -14.15 -26.66 -8.36
N GLY C 258 -15.15 -25.96 -8.91
CA GLY C 258 -15.96 -26.49 -10.01
C GLY C 258 -16.74 -27.76 -9.67
N GLY C 259 -17.41 -27.75 -8.50
CA GLY C 259 -18.20 -28.89 -8.03
C GLY C 259 -17.42 -30.19 -7.94
N ALA C 260 -16.18 -30.09 -7.46
CA ALA C 260 -15.28 -31.22 -7.36
C ALA C 260 -15.76 -32.24 -6.33
N ALA C 261 -16.20 -31.75 -5.17
CA ALA C 261 -16.64 -32.62 -4.08
C ALA C 261 -17.73 -33.61 -4.54
N ASP C 262 -18.72 -33.10 -5.27
CA ASP C 262 -19.84 -33.92 -5.77
C ASP C 262 -19.47 -34.79 -6.96
N ARG C 263 -18.52 -34.32 -7.77
CA ARG C 263 -17.88 -35.16 -8.78
C ARG C 263 -17.15 -36.33 -8.12
N ILE C 264 -16.42 -36.04 -7.02
CA ILE C 264 -15.74 -37.09 -6.24
C ILE C 264 -16.78 -38.06 -5.69
N ALA C 265 -17.84 -37.50 -5.12
CA ALA C 265 -18.92 -38.29 -4.51
C ALA C 265 -19.48 -39.37 -5.44
N ALA C 266 -19.59 -39.05 -6.73
CA ALA C 266 -20.20 -39.94 -7.71
C ALA C 266 -19.21 -40.84 -8.43
N SER C 267 -17.92 -40.60 -8.20
CA SER C 267 -16.86 -41.25 -8.96
C SER C 267 -16.55 -42.69 -8.55
N ALA C 268 -15.70 -43.34 -9.35
CA ALA C 268 -15.16 -44.67 -9.07
C ALA C 268 -13.98 -44.64 -8.08
N LEU C 269 -13.64 -43.44 -7.62
CA LEU C 269 -12.56 -43.23 -6.66
C LEU C 269 -13.04 -43.60 -5.26
N ASP C 270 -12.24 -44.37 -4.54
CA ASP C 270 -12.66 -44.83 -3.22
C ASP C 270 -12.43 -43.81 -2.11
N GLU C 271 -11.34 -43.04 -2.21
CA GLU C 271 -11.01 -42.01 -1.23
C GLU C 271 -10.01 -40.99 -1.80
N LEU C 272 -10.17 -39.74 -1.38
CA LEU C 272 -9.22 -38.65 -1.64
C LEU C 272 -8.60 -38.18 -0.33
N VAL C 273 -7.29 -38.42 -0.17
CA VAL C 273 -6.58 -37.93 1.02
C VAL C 273 -5.77 -36.67 0.70
N VAL C 274 -6.00 -35.62 1.49
CA VAL C 274 -5.38 -34.33 1.22
C VAL C 274 -4.72 -33.74 2.45
N THR C 275 -4.01 -32.65 2.27
CA THR C 275 -3.40 -31.93 3.34
C THR C 275 -4.31 -30.78 3.79
N ASP C 276 -4.02 -30.15 4.91
CA ASP C 276 -4.82 -29.01 5.30
C ASP C 276 -4.21 -27.69 4.93
N THR C 277 -3.50 -27.63 3.83
CA THR C 277 -2.93 -26.37 3.37
C THR C 277 -4.05 -25.40 2.98
N ILE C 278 -5.09 -25.95 2.35
CA ILE C 278 -6.29 -25.20 2.00
C ILE C 278 -7.44 -25.84 2.77
N PRO C 279 -8.02 -25.11 3.74
CA PRO C 279 -9.15 -25.67 4.49
C PRO C 279 -10.30 -26.16 3.60
N LEU C 280 -10.98 -27.20 4.06
CA LEU C 280 -12.07 -27.80 3.29
C LEU C 280 -13.36 -27.00 3.38
N SER C 281 -14.03 -26.89 2.22
CA SER C 281 -15.43 -26.42 2.12
C SER C 281 -16.36 -27.17 3.07
N ALA C 282 -17.53 -26.56 3.32
CA ALA C 282 -18.61 -27.20 4.03
C ALA C 282 -19.16 -28.35 3.19
N GLU C 283 -19.09 -28.18 1.87
CA GLU C 283 -19.40 -29.25 0.92
C GLU C 283 -18.42 -30.41 1.06
N SER C 284 -17.12 -30.10 1.02
CA SER C 284 -16.06 -31.13 1.14
C SER C 284 -16.08 -31.84 2.50
N LEU C 285 -16.37 -31.10 3.56
CA LEU C 285 -16.54 -31.70 4.89
C LEU C 285 -17.78 -32.60 4.97
N ALA C 286 -18.74 -32.38 4.07
CA ALA C 286 -19.93 -33.24 3.96
C ALA C 286 -19.68 -34.44 3.05
N CYS C 287 -18.52 -34.47 2.39
CA CYS C 287 -18.14 -35.58 1.50
C CYS C 287 -17.26 -36.62 2.19
N PRO C 288 -17.85 -37.81 2.51
CA PRO C 288 -17.15 -38.90 3.22
C PRO C 288 -15.91 -39.49 2.50
N LYS C 289 -15.83 -39.32 1.18
CA LYS C 289 -14.65 -39.73 0.40
C LYS C 289 -13.42 -38.81 0.54
N ILE C 290 -13.58 -37.62 1.12
CA ILE C 290 -12.48 -36.69 1.27
C ILE C 290 -12.03 -36.66 2.72
N ARG C 291 -10.71 -36.76 2.92
CA ARG C 291 -10.14 -36.82 4.26
C ARG C 291 -8.83 -36.00 4.33
N ALA C 292 -8.68 -35.21 5.39
CA ALA C 292 -7.52 -34.31 5.49
C ALA C 292 -6.42 -34.79 6.45
N LEU C 293 -5.19 -34.43 6.13
CA LEU C 293 -4.04 -34.67 7.01
C LEU C 293 -3.40 -33.34 7.40
N SER C 294 -2.78 -33.33 8.57
CA SER C 294 -2.24 -32.11 9.16
C SER C 294 -0.81 -31.81 8.70
N SER C 295 -0.64 -30.66 8.04
CA SER C 295 0.67 -30.22 7.55
C SER C 295 1.42 -29.30 8.52
N ALA C 296 0.82 -29.05 9.68
CA ALA C 296 1.34 -28.08 10.64
C ALA C 296 2.72 -28.44 11.20
N GLY C 297 2.95 -29.72 11.47
CA GLY C 297 4.22 -30.20 12.02
C GLY C 297 5.37 -29.99 11.06
N LEU C 298 5.12 -30.22 9.78
CA LEU C 298 6.10 -30.04 8.72
C LEU C 298 6.45 -28.56 8.51
N LEU C 299 5.43 -27.71 8.66
CA LEU C 299 5.59 -26.26 8.61
C LEU C 299 6.38 -25.70 9.78
N ALA C 300 6.02 -26.12 11.00
CA ALA C 300 6.74 -25.71 12.21
C ALA C 300 8.21 -26.10 12.16
N GLU C 301 8.49 -27.33 11.73
CA GLU C 301 9.86 -27.85 11.58
C GLU C 301 10.70 -27.01 10.62
N THR C 302 10.09 -26.57 9.53
CA THR C 302 10.73 -25.66 8.56
C THR C 302 11.00 -24.29 9.18
N PHE C 303 10.00 -23.75 9.89
CA PHE C 303 10.12 -22.44 10.50
C PHE C 303 11.28 -22.45 11.51
N SER C 304 11.46 -23.59 12.17
CA SER C 304 12.48 -23.75 13.20
C SER C 304 13.87 -23.88 12.60
N ARG C 305 13.99 -24.63 11.51
CA ARG C 305 15.26 -24.77 10.80
C ARG C 305 15.73 -23.42 10.27
N ILE C 306 14.83 -22.63 9.72
CA ILE C 306 15.18 -21.34 9.16
C ILE C 306 15.55 -20.35 10.26
N ARG C 307 14.83 -20.40 11.37
CA ARG C 307 15.11 -19.61 12.59
C ARG C 307 16.51 -19.92 13.17
N ARG C 308 16.87 -21.20 13.22
CA ARG C 308 18.21 -21.63 13.63
C ARG C 308 19.30 -20.93 12.81
N GLY C 309 19.11 -20.88 11.49
CA GLY C 309 20.01 -20.20 10.58
C GLY C 309 20.15 -18.72 10.88
N ASP C 310 19.04 -18.08 11.22
CA ASP C 310 19.05 -16.64 11.51
C ASP C 310 19.90 -16.26 12.72
N SER C 311 20.05 -17.20 13.65
CA SER C 311 20.80 -16.95 14.88
C SER C 311 22.27 -17.39 14.77
N VAL C 312 22.67 -17.89 13.60
CA VAL C 312 24.08 -18.18 13.33
C VAL C 312 24.93 -16.91 13.31
N MET C 313 24.37 -15.81 12.80
CA MET C 313 25.05 -14.51 12.77
C MET C 313 24.35 -13.48 13.65
#